data_6IX5
#
_entry.id   6IX5
#
_cell.length_a   161.051
_cell.length_b   62.239
_cell.length_c   114.150
_cell.angle_alpha   90.00
_cell.angle_beta   113.15
_cell.angle_gamma   90.00
#
_symmetry.space_group_name_H-M   'C 1 2 1'
#
loop_
_entity.id
_entity.type
_entity.pdbx_description
1 polymer 'O-methyltransferase lepI'
2 non-polymer S-ADENOSYLMETHIONINE
3 non-polymer 4-hydroxy-3-[(2S,6E,8E)-2-methyldeca-6,8-dienoyl]-5-phenylpyridin-2(1H)-one
4 non-polymer 1,2-ETHANEDIOL
5 non-polymer 'CHLORIDE ION'
6 non-polymer GLYCEROL
7 non-polymer 'SODIUM ION'
8 non-polymer IMIDAZOLE
9 water water
#
_entity_poly.entity_id   1
_entity_poly.type   'polypeptide(L)'
_entity_poly.pdbx_seq_one_letter_code
;MGSSHHHHHHENLYFQSNAETVAAIKTLIQQLAQSTDQFGRAEINDALRELQYSLETPFDTVMRMSLDTCQVAVARIGSD
LGLFKHLSQCASPQSAEELADHLGCGRELMSRLLRYMASVRMVQQTDDIKYISSNITQTLAVPGLEAGMRHAFENLWPVL
MALPDFLAERKYPDIVDAKDTAFQKAFNTDQDCFHWLATQPTRIANFKVLLTDERTPNFLSTFPLEKELGSWSAEPEKAL
FVDIGGGMGHACIRLREKYPNQPGRVILQDLPPVLQAAQATLPLSGIESMPHNFHTPQPVQGAKFYFLRLILRDFPDHQA
LEILQNIVPAMDAESRIVIDDGVPPEKGARWAETGTDICIMSALGSKERTQRQWEELAAKAGLQLQALYQYTWPVVNAAM
VFSLQ
;
_entity_poly.pdbx_strand_id   A,B
#
# COMPACT_ATOMS: atom_id res chain seq x y z
N SER A 17 -15.15 9.33 -25.93
CA SER A 17 -16.25 10.04 -25.28
C SER A 17 -16.13 9.78 -23.81
N ASN A 18 -16.15 8.53 -23.34
CA ASN A 18 -15.72 8.33 -21.96
CA ASN A 18 -15.70 8.27 -21.98
C ASN A 18 -14.22 8.61 -21.82
N ALA A 19 -13.42 8.21 -22.82
CA ALA A 19 -12.04 8.69 -22.90
C ALA A 19 -11.98 10.22 -22.89
N GLU A 20 -12.86 10.87 -23.65
CA GLU A 20 -12.87 12.33 -23.69
C GLU A 20 -13.27 12.89 -22.34
N THR A 21 -14.22 12.26 -21.64
CA THR A 21 -14.57 12.78 -20.31
C THR A 21 -13.40 12.62 -19.34
N VAL A 22 -12.70 11.49 -19.40
CA VAL A 22 -11.58 11.26 -18.50
C VAL A 22 -10.45 12.25 -18.79
N ALA A 23 -10.16 12.49 -20.06
CA ALA A 23 -9.14 13.49 -20.38
C ALA A 23 -9.55 14.88 -19.90
N ALA A 24 -10.83 15.22 -20.00
CA ALA A 24 -11.28 16.53 -19.53
C ALA A 24 -11.16 16.65 -18.02
N ILE A 25 -11.52 15.59 -17.30
CA ILE A 25 -11.31 15.62 -15.84
C ILE A 25 -9.84 15.89 -15.50
N LYS A 26 -8.92 15.19 -16.18
CA LYS A 26 -7.50 15.39 -15.90
C LYS A 26 -7.10 16.84 -16.18
N THR A 27 -7.54 17.37 -17.33
CA THR A 27 -7.19 18.74 -17.67
C THR A 27 -7.68 19.72 -16.60
N LEU A 28 -8.95 19.57 -16.18
CA LEU A 28 -9.48 20.53 -15.21
C LEU A 28 -8.80 20.40 -13.85
N ILE A 29 -8.55 19.16 -13.36
CA ILE A 29 -7.88 19.02 -12.07
C ILE A 29 -6.45 19.57 -12.14
N GLN A 30 -5.71 19.26 -13.21
N GLN A 30 -5.72 19.25 -13.22
CA GLN A 30 -4.38 19.83 -13.36
CA GLN A 30 -4.37 19.80 -13.38
C GLN A 30 -4.42 21.34 -13.29
C GLN A 30 -4.39 21.32 -13.34
N GLN A 31 -5.37 21.95 -13.99
CA GLN A 31 -5.44 23.41 -13.98
C GLN A 31 -5.80 23.95 -12.62
N LEU A 32 -6.74 23.30 -11.91
CA LEU A 32 -7.07 23.78 -10.56
C LEU A 32 -5.87 23.63 -9.64
N ALA A 33 -5.14 22.52 -9.79
CA ALA A 33 -3.97 22.30 -8.94
C ALA A 33 -2.90 23.35 -9.17
N GLN A 34 -2.67 23.74 -10.43
CA GLN A 34 -1.68 24.79 -10.70
C GLN A 34 -2.13 26.16 -10.19
N SER A 35 -3.43 26.40 -10.05
CA SER A 35 -3.93 27.70 -9.59
C SER A 35 -3.90 27.88 -8.08
N THR A 36 -3.46 26.87 -7.32
CA THR A 36 -3.42 27.00 -5.88
C THR A 36 -1.98 26.77 -5.44
N ASP A 37 -1.77 26.66 -4.13
CA ASP A 37 -0.43 26.48 -3.61
C ASP A 37 -0.26 25.05 -3.15
N GLN A 38 0.85 24.76 -2.47
CA GLN A 38 1.09 23.35 -2.16
C GLN A 38 0.07 22.82 -1.16
N PHE A 39 -0.48 23.70 -0.31
CA PHE A 39 -1.44 23.21 0.67
C PHE A 39 -2.76 22.89 0.00
N GLY A 40 -3.17 23.74 -0.94
CA GLY A 40 -4.37 23.46 -1.75
C GLY A 40 -4.21 22.21 -2.60
N ARG A 41 -3.01 21.97 -3.14
CA ARG A 41 -2.81 20.72 -3.88
C ARG A 41 -2.89 19.51 -2.97
N ALA A 42 -2.37 19.63 -1.77
CA ALA A 42 -2.51 18.52 -0.82
C ALA A 42 -3.97 18.25 -0.51
N GLU A 43 -4.79 19.32 -0.38
CA GLU A 43 -6.22 19.10 -0.15
C GLU A 43 -6.88 18.44 -1.35
N ILE A 44 -6.52 18.86 -2.58
CA ILE A 44 -7.08 18.23 -3.76
C ILE A 44 -6.70 16.75 -3.80
N ASN A 45 -5.43 16.44 -3.51
CA ASN A 45 -5.01 15.05 -3.56
C ASN A 45 -5.76 14.18 -2.56
N ASP A 46 -5.98 14.69 -1.34
CA ASP A 46 -6.74 13.89 -0.38
C ASP A 46 -8.15 13.68 -0.90
N ALA A 47 -8.71 14.69 -1.56
CA ALA A 47 -10.06 14.57 -2.12
C ALA A 47 -10.09 13.51 -3.21
N LEU A 48 -9.07 13.48 -4.07
CA LEU A 48 -9.03 12.45 -5.12
C LEU A 48 -8.99 11.05 -4.52
N ARG A 49 -8.20 10.87 -3.44
CA ARG A 49 -8.17 9.60 -2.72
CA ARG A 49 -8.18 9.58 -2.74
C ARG A 49 -9.57 9.22 -2.20
N GLU A 50 -10.21 10.15 -1.49
CA GLU A 50 -11.55 9.89 -0.96
C GLU A 50 -12.52 9.52 -2.09
N LEU A 51 -12.43 10.23 -3.22
CA LEU A 51 -13.31 9.90 -4.36
C LEU A 51 -13.03 8.50 -4.86
N GLN A 52 -11.75 8.16 -4.99
CA GLN A 52 -11.40 6.82 -5.46
CA GLN A 52 -11.39 6.82 -5.46
C GLN A 52 -12.01 5.75 -4.57
N TYR A 53 -11.86 5.90 -3.25
CA TYR A 53 -12.33 4.88 -2.32
C TYR A 53 -13.83 4.78 -2.33
N SER A 54 -14.52 5.90 -2.52
CA SER A 54 -15.97 5.84 -2.54
C SER A 54 -16.52 5.31 -3.87
N LEU A 55 -15.77 5.40 -4.98
CA LEU A 55 -16.27 4.94 -6.27
C LEU A 55 -15.86 3.52 -6.62
N GLU A 56 -14.90 2.94 -5.91
CA GLU A 56 -14.45 1.59 -6.23
CA GLU A 56 -14.45 1.59 -6.19
C GLU A 56 -15.54 0.57 -5.87
N THR A 57 -15.56 -0.52 -6.63
CA THR A 57 -16.46 -1.62 -6.30
C THR A 57 -15.90 -2.36 -5.09
N PRO A 58 -16.72 -3.18 -4.44
CA PRO A 58 -16.16 -4.01 -3.31
C PRO A 58 -14.97 -4.85 -3.75
N PHE A 59 -15.08 -5.51 -4.89
CA PHE A 59 -13.92 -6.24 -5.40
C PHE A 59 -12.71 -5.33 -5.58
N ASP A 60 -12.92 -4.15 -6.17
CA ASP A 60 -11.80 -3.22 -6.39
C ASP A 60 -11.15 -2.83 -5.07
N THR A 61 -11.94 -2.69 -4.01
CA THR A 61 -11.37 -2.33 -2.71
C THR A 61 -10.38 -3.38 -2.29
N VAL A 62 -10.78 -4.65 -2.43
CA VAL A 62 -9.88 -5.71 -1.97
C VAL A 62 -8.69 -5.82 -2.91
N MET A 63 -8.99 -5.62 -4.18
CA MET A 63 -7.77 -5.64 -5.14
CA MET A 63 -7.86 -5.63 -5.11
C MET A 63 -6.69 -4.53 -4.83
N ARG A 64 -7.25 -3.33 -4.50
CA ARG A 64 -6.38 -2.21 -4.16
C ARG A 64 -5.57 -2.53 -2.91
N MET A 65 -6.26 -3.03 -1.88
CA MET A 65 -5.53 -3.35 -0.64
C MET A 65 -4.52 -4.46 -0.88
N SER A 66 -4.87 -5.42 -1.74
CA SER A 66 -3.98 -6.55 -1.97
C SER A 66 -2.76 -6.14 -2.76
N LEU A 67 -2.92 -5.23 -3.70
CA LEU A 67 -1.83 -4.97 -4.65
C LEU A 67 -1.05 -3.68 -4.35
N ASP A 68 -1.57 -2.77 -3.54
CA ASP A 68 -0.81 -1.50 -3.45
C ASP A 68 0.51 -1.74 -2.70
N THR A 69 0.57 -2.79 -1.89
CA THR A 69 1.77 -3.43 -1.32
C THR A 69 2.95 -3.62 -2.29
N CYS A 70 2.62 -3.93 -3.54
CA CYS A 70 3.65 -4.17 -4.54
C CYS A 70 4.56 -2.98 -4.73
N GLN A 71 4.09 -1.77 -4.44
CA GLN A 71 4.86 -0.61 -4.84
C GLN A 71 6.15 -0.53 -4.05
N VAL A 72 6.11 -0.74 -2.73
CA VAL A 72 7.33 -0.63 -1.94
CA VAL A 72 7.35 -0.60 -1.98
C VAL A 72 8.31 -1.73 -2.30
N ALA A 73 7.80 -2.95 -2.51
CA ALA A 73 8.69 -4.04 -2.87
C ALA A 73 9.39 -3.75 -4.19
N VAL A 74 8.65 -3.26 -5.19
CA VAL A 74 9.25 -3.03 -6.49
C VAL A 74 10.15 -1.80 -6.45
N ALA A 75 9.79 -0.80 -5.63
CA ALA A 75 10.69 0.35 -5.51
C ALA A 75 12.00 -0.08 -4.88
N ARG A 76 11.94 -1.05 -3.93
CA ARG A 76 13.14 -1.56 -3.29
CA ARG A 76 13.15 -1.54 -3.29
C ARG A 76 14.04 -2.25 -4.31
N ILE A 77 13.43 -3.02 -5.23
CA ILE A 77 14.19 -3.68 -6.28
C ILE A 77 14.83 -2.65 -7.21
N GLY A 78 14.04 -1.65 -7.64
CA GLY A 78 14.62 -0.67 -8.54
C GLY A 78 15.74 0.11 -7.88
N SER A 79 15.62 0.36 -6.57
CA SER A 79 16.70 0.99 -5.82
C SER A 79 17.93 0.09 -5.76
N ASP A 80 17.73 -1.20 -5.46
CA ASP A 80 18.87 -2.14 -5.49
C ASP A 80 19.58 -2.13 -6.84
N LEU A 81 18.82 -2.04 -7.93
CA LEU A 81 19.38 -2.07 -9.28
C LEU A 81 20.00 -0.74 -9.69
N GLY A 82 19.70 0.36 -8.99
CA GLY A 82 20.12 1.66 -9.46
C GLY A 82 19.30 2.15 -10.63
N LEU A 83 18.10 1.58 -10.82
CA LEU A 83 17.29 1.90 -11.99
C LEU A 83 16.83 3.35 -12.00
N PHE A 84 16.40 3.87 -10.83
CA PHE A 84 15.79 5.19 -10.82
C PHE A 84 16.83 6.25 -11.10
N LYS A 85 18.00 6.12 -10.50
CA LYS A 85 19.06 7.08 -10.77
C LYS A 85 19.49 7.01 -12.23
N HIS A 86 19.61 5.80 -12.78
CA HIS A 86 20.03 5.68 -14.18
C HIS A 86 19.00 6.30 -15.11
N LEU A 87 17.75 5.90 -14.98
CA LEU A 87 16.70 6.43 -15.85
C LEU A 87 16.60 7.95 -15.74
N SER A 88 16.76 8.50 -14.54
CA SER A 88 16.65 9.95 -14.36
CA SER A 88 16.63 9.94 -14.37
C SER A 88 17.72 10.70 -15.10
N GLN A 89 18.85 10.07 -15.41
CA GLN A 89 19.89 10.76 -16.16
C GLN A 89 19.93 10.38 -17.65
N CYS A 90 19.06 9.47 -18.12
CA CYS A 90 18.98 9.17 -19.54
C CYS A 90 18.32 10.31 -20.33
N ALA A 91 18.89 10.59 -21.51
CA ALA A 91 18.42 11.65 -22.40
C ALA A 91 17.40 11.20 -23.43
N SER A 92 17.16 9.91 -23.57
CA SER A 92 16.22 9.43 -24.57
C SER A 92 15.48 8.24 -23.96
N PRO A 93 14.32 7.88 -24.50
CA PRO A 93 13.63 6.68 -23.98
C PRO A 93 14.51 5.45 -24.14
N GLN A 94 14.43 4.55 -23.15
CA GLN A 94 15.21 3.32 -23.12
C GLN A 94 14.31 2.10 -23.26
N SER A 95 14.76 1.12 -24.05
CA SER A 95 14.00 -0.12 -24.09
C SER A 95 14.27 -0.97 -22.85
N ALA A 96 13.34 -1.91 -22.57
CA ALA A 96 13.56 -2.84 -21.46
C ALA A 96 14.87 -3.61 -21.62
N GLU A 97 15.19 -4.01 -22.86
CA GLU A 97 16.43 -4.74 -23.12
C GLU A 97 17.64 -3.88 -22.78
N GLU A 98 17.64 -2.61 -23.22
CA GLU A 98 18.75 -1.72 -22.91
C GLU A 98 18.92 -1.59 -21.40
N LEU A 99 17.79 -1.37 -20.69
CA LEU A 99 17.90 -1.20 -19.24
C LEU A 99 18.38 -2.48 -18.57
N ALA A 100 17.87 -3.64 -18.99
CA ALA A 100 18.27 -4.91 -18.39
C ALA A 100 19.76 -5.15 -18.57
N ASP A 101 20.26 -4.91 -19.77
CA ASP A 101 21.69 -5.17 -20.00
C ASP A 101 22.55 -4.18 -19.22
N HIS A 102 22.15 -2.91 -19.20
CA HIS A 102 22.93 -1.93 -18.48
C HIS A 102 22.99 -2.24 -16.99
N LEU A 103 21.85 -2.62 -16.41
CA LEU A 103 21.78 -2.76 -14.97
C LEU A 103 22.05 -4.17 -14.48
N GLY A 104 22.18 -5.14 -15.37
CA GLY A 104 22.45 -6.49 -14.93
C GLY A 104 21.25 -7.20 -14.36
N CYS A 105 20.14 -7.16 -15.11
CA CYS A 105 18.90 -7.79 -14.75
C CYS A 105 18.45 -8.72 -15.87
N GLY A 106 17.87 -9.86 -15.51
CA GLY A 106 17.24 -10.72 -16.50
C GLY A 106 16.30 -9.93 -17.38
N ARG A 107 16.31 -10.17 -18.69
CA ARG A 107 15.52 -9.33 -19.61
C ARG A 107 14.01 -9.45 -19.37
N GLU A 108 13.50 -10.66 -19.07
CA GLU A 108 12.07 -10.78 -18.89
C GLU A 108 11.67 -10.20 -17.55
N LEU A 109 12.50 -10.42 -16.54
CA LEU A 109 12.21 -9.81 -15.24
C LEU A 109 12.17 -8.29 -15.37
N MET A 110 13.16 -7.72 -16.09
CA MET A 110 13.22 -6.28 -16.24
C MET A 110 11.97 -5.76 -16.94
N SER A 111 11.57 -6.43 -18.03
CA SER A 111 10.37 -5.99 -18.73
C SER A 111 9.14 -6.04 -17.84
N ARG A 112 9.03 -7.10 -17.04
CA ARG A 112 7.84 -7.21 -16.16
C ARG A 112 7.87 -6.17 -15.06
N LEU A 113 9.04 -5.92 -14.49
CA LEU A 113 9.16 -4.86 -13.49
C LEU A 113 8.81 -3.51 -14.09
N LEU A 114 9.31 -3.21 -15.30
CA LEU A 114 9.04 -1.91 -15.90
C LEU A 114 7.57 -1.73 -16.25
N ARG A 115 6.91 -2.80 -16.73
CA ARG A 115 5.49 -2.67 -17.02
CA ARG A 115 5.48 -2.72 -17.02
C ARG A 115 4.71 -2.37 -15.75
N TYR A 116 5.06 -3.05 -14.65
CA TYR A 116 4.43 -2.75 -13.38
C TYR A 116 4.74 -1.31 -12.95
N MET A 117 6.01 -0.89 -13.05
CA MET A 117 6.32 0.47 -12.62
C MET A 117 5.56 1.51 -13.45
N ALA A 118 5.44 1.29 -14.76
CA ALA A 118 4.78 2.30 -15.60
C ALA A 118 3.30 2.40 -15.22
N SER A 119 2.72 1.26 -14.82
CA SER A 119 1.30 1.24 -14.48
C SER A 119 1.02 1.99 -13.18
N VAL A 120 2.03 2.22 -12.34
CA VAL A 120 1.85 3.05 -11.12
C VAL A 120 2.68 4.33 -11.18
N ARG A 121 3.06 4.73 -12.38
CA ARG A 121 3.79 5.96 -12.65
C ARG A 121 5.17 6.02 -11.96
N MET A 122 5.74 4.87 -11.56
CA MET A 122 7.10 4.88 -11.03
CA MET A 122 7.10 4.90 -11.03
C MET A 122 8.12 5.15 -12.13
N VAL A 123 7.78 4.81 -13.36
CA VAL A 123 8.43 5.27 -14.60
C VAL A 123 7.28 5.60 -15.52
N GLN A 124 7.60 6.15 -16.70
CA GLN A 124 6.59 6.32 -17.74
C GLN A 124 6.92 5.43 -18.92
N GLN A 125 5.89 4.78 -19.49
CA GLN A 125 6.05 3.99 -20.70
C GLN A 125 5.64 4.84 -21.91
N THR A 126 6.49 4.86 -22.95
CA THR A 126 6.15 5.59 -24.17
C THR A 126 5.29 4.75 -25.11
N ASP A 127 4.75 5.37 -26.18
CA ASP A 127 3.88 4.66 -27.13
CA ASP A 127 3.87 4.50 -26.96
C ASP A 127 4.66 3.59 -27.88
N ASP A 128 5.98 3.73 -27.90
CA ASP A 128 6.89 2.81 -28.52
C ASP A 128 7.33 1.71 -27.56
N ILE A 129 6.68 1.62 -26.40
CA ILE A 129 7.05 0.67 -25.34
C ILE A 129 8.52 0.83 -24.96
N LYS A 130 8.95 2.06 -24.78
CA LYS A 130 10.21 2.33 -24.12
C LYS A 130 9.88 3.10 -22.84
N TYR A 131 10.92 3.45 -22.09
CA TYR A 131 10.72 3.98 -20.74
C TYR A 131 11.52 5.27 -20.53
N ILE A 132 10.88 6.23 -19.86
CA ILE A 132 11.50 7.47 -19.45
C ILE A 132 11.16 7.70 -17.98
N SER A 133 11.88 8.64 -17.37
CA SER A 133 11.61 8.93 -15.96
C SER A 133 10.33 9.74 -15.84
N SER A 134 9.63 9.51 -14.73
CA SER A 134 8.52 10.32 -14.25
C SER A 134 8.95 11.14 -13.03
N ASN A 135 8.02 11.95 -12.51
CA ASN A 135 8.30 12.67 -11.25
C ASN A 135 8.71 11.68 -10.16
N ILE A 136 8.06 10.52 -10.11
CA ILE A 136 8.37 9.54 -9.09
C ILE A 136 9.75 8.92 -9.30
N THR A 137 10.14 8.66 -10.57
CA THR A 137 11.50 8.19 -10.84
C THR A 137 12.50 9.12 -10.22
N GLN A 138 12.33 10.43 -10.46
CA GLN A 138 13.31 11.41 -9.97
C GLN A 138 13.33 11.42 -8.46
N THR A 139 12.15 11.32 -7.85
CA THR A 139 12.05 11.28 -6.40
C THR A 139 12.84 10.09 -5.83
N LEU A 140 12.66 8.91 -6.41
CA LEU A 140 13.30 7.73 -5.84
C LEU A 140 14.80 7.69 -6.13
N ALA A 141 15.28 8.57 -7.01
CA ALA A 141 16.69 8.72 -7.26
C ALA A 141 17.37 9.63 -6.24
N VAL A 142 16.60 10.39 -5.47
CA VAL A 142 17.20 11.33 -4.50
C VAL A 142 17.61 10.56 -3.25
N PRO A 143 18.88 10.63 -2.80
CA PRO A 143 19.33 9.69 -1.75
C PRO A 143 18.48 9.72 -0.48
N GLY A 144 18.14 10.91 0.03
CA GLY A 144 17.38 10.95 1.28
C GLY A 144 15.98 10.37 1.12
N LEU A 145 15.31 10.67 -0.01
CA LEU A 145 13.97 10.14 -0.23
C LEU A 145 14.00 8.64 -0.52
N GLU A 146 14.98 8.20 -1.32
CA GLU A 146 15.22 6.77 -1.49
C GLU A 146 15.38 6.08 -0.15
N ALA A 147 16.17 6.68 0.75
CA ALA A 147 16.38 6.08 2.07
C ALA A 147 15.07 5.97 2.85
N GLY A 148 14.15 6.92 2.69
CA GLY A 148 12.86 6.81 3.36
C GLY A 148 12.06 5.62 2.87
N MET A 149 12.08 5.39 1.56
CA MET A 149 11.40 4.23 1.01
C MET A 149 12.06 2.95 1.51
N ARG A 150 13.40 2.94 1.57
CA ARG A 150 14.09 1.72 2.03
C ARG A 150 13.81 1.47 3.51
N HIS A 151 13.68 2.55 4.31
CA HIS A 151 13.29 2.43 5.72
C HIS A 151 11.91 1.81 5.85
N ALA A 152 10.98 2.23 4.99
CA ALA A 152 9.64 1.65 5.07
C ALA A 152 9.69 0.16 4.82
N PHE A 153 10.48 -0.26 3.82
CA PHE A 153 10.57 -1.67 3.49
C PHE A 153 11.21 -2.48 4.62
N GLU A 154 12.36 -2.01 5.13
CA GLU A 154 13.13 -2.89 6.00
C GLU A 154 12.77 -2.74 7.47
N ASN A 155 12.23 -1.59 7.90
CA ASN A 155 11.88 -1.35 9.29
C ASN A 155 10.38 -1.32 9.55
N LEU A 156 9.62 -0.64 8.71
CA LEU A 156 8.19 -0.54 8.99
C LEU A 156 7.45 -1.81 8.58
N TRP A 157 7.71 -2.36 7.39
CA TRP A 157 6.96 -3.55 6.95
CA TRP A 157 6.90 -3.51 7.00
C TRP A 157 7.02 -4.67 7.97
N PRO A 158 8.19 -5.05 8.49
CA PRO A 158 8.20 -6.19 9.42
C PRO A 158 7.38 -5.93 10.67
N VAL A 159 7.37 -4.70 11.16
N VAL A 159 7.35 -4.69 11.18
CA VAL A 159 6.62 -4.43 12.35
CA VAL A 159 6.58 -4.48 12.41
C VAL A 159 5.12 -4.53 12.07
C VAL A 159 5.09 -4.48 12.11
N LEU A 160 4.68 -4.00 10.93
CA LEU A 160 3.25 -4.08 10.56
C LEU A 160 2.81 -5.51 10.26
N MET A 161 3.70 -6.31 9.67
CA MET A 161 3.41 -7.73 9.45
CA MET A 161 3.40 -7.72 9.45
C MET A 161 3.22 -8.47 10.78
N ALA A 162 3.96 -8.08 11.83
CA ALA A 162 3.87 -8.73 13.13
C ALA A 162 2.70 -8.21 13.97
N LEU A 163 2.18 -7.01 13.68
CA LEU A 163 1.25 -6.39 14.61
C LEU A 163 -0.02 -7.21 14.84
N PRO A 164 -0.71 -7.73 13.81
CA PRO A 164 -2.01 -8.36 14.11
C PRO A 164 -1.87 -9.59 14.98
N ASP A 165 -0.84 -10.42 14.75
CA ASP A 165 -0.71 -11.60 15.59
C ASP A 165 -0.14 -11.24 16.96
N PHE A 166 0.71 -10.21 17.05
CA PHE A 166 1.11 -9.68 18.35
C PHE A 166 -0.10 -9.31 19.19
N LEU A 167 -1.01 -8.50 18.62
CA LEU A 167 -2.20 -8.07 19.35
C LEU A 167 -3.10 -9.25 19.68
N ALA A 168 -3.28 -10.18 18.75
CA ALA A 168 -4.17 -11.32 19.01
C ALA A 168 -3.65 -12.15 20.17
N GLU A 169 -2.35 -12.48 20.14
CA GLU A 169 -1.75 -13.29 21.19
C GLU A 169 -1.85 -12.63 22.56
N ARG A 170 -1.77 -11.31 22.61
CA ARG A 170 -1.76 -10.56 23.86
C ARG A 170 -3.12 -10.02 24.25
N LYS A 171 -4.17 -10.39 23.51
CA LYS A 171 -5.55 -9.99 23.79
C LYS A 171 -5.69 -8.47 23.77
N TYR A 172 -5.08 -7.85 22.74
CA TYR A 172 -5.35 -6.47 22.37
C TYR A 172 -5.05 -5.48 23.49
N PRO A 173 -3.82 -5.45 23.97
CA PRO A 173 -3.44 -4.49 25.02
C PRO A 173 -3.25 -3.10 24.44
N ASP A 174 -3.49 -2.10 25.28
CA ASP A 174 -3.00 -0.76 24.95
C ASP A 174 -1.47 -0.81 24.95
N ILE A 175 -0.84 -0.40 23.86
CA ILE A 175 0.62 -0.41 23.79
C ILE A 175 1.16 0.87 24.40
N VAL A 176 2.04 0.74 25.39
CA VAL A 176 2.43 1.87 26.21
C VAL A 176 3.94 1.96 26.36
N ASP A 177 4.67 0.90 25.97
CA ASP A 177 6.08 0.70 26.35
C ASP A 177 6.89 0.37 25.12
N ALA A 178 8.00 1.09 24.89
CA ALA A 178 8.88 0.80 23.76
C ALA A 178 9.47 -0.60 23.84
N LYS A 179 9.55 -1.17 25.02
CA LYS A 179 10.07 -2.52 25.13
C LYS A 179 9.02 -3.61 24.98
N ASP A 180 7.74 -3.26 24.74
CA ASP A 180 6.68 -4.29 24.66
C ASP A 180 5.71 -3.90 23.57
N THR A 181 6.15 -4.03 22.32
CA THR A 181 5.28 -3.71 21.21
C THR A 181 5.58 -4.72 20.10
N ALA A 182 5.13 -4.41 18.89
CA ALA A 182 5.27 -5.41 17.82
C ALA A 182 6.71 -5.58 17.38
N PHE A 183 7.55 -4.55 17.59
CA PHE A 183 8.95 -4.62 17.16
C PHE A 183 9.66 -5.87 17.72
N GLN A 184 9.43 -6.17 19.00
CA GLN A 184 10.12 -7.31 19.63
C GLN A 184 9.74 -8.64 18.98
N LYS A 185 8.49 -8.76 18.56
CA LYS A 185 8.09 -9.97 17.82
CA LYS A 185 8.07 -9.96 17.82
C LYS A 185 8.67 -9.97 16.42
N ALA A 186 8.58 -8.84 15.70
CA ALA A 186 9.10 -8.75 14.32
C ALA A 186 10.57 -9.12 14.23
N PHE A 187 11.36 -8.67 15.20
CA PHE A 187 12.80 -8.82 15.11
C PHE A 187 13.36 -9.80 16.14
N ASN A 188 12.50 -10.56 16.82
CA ASN A 188 12.93 -11.62 17.72
C ASN A 188 14.00 -11.14 18.69
N THR A 189 13.67 -10.06 19.41
CA THR A 189 14.62 -9.46 20.37
C THR A 189 13.84 -8.92 21.56
N ASP A 190 14.50 -8.79 22.70
CA ASP A 190 13.89 -8.07 23.81
CA ASP A 190 13.89 -8.07 23.81
C ASP A 190 14.35 -6.62 23.88
N GLN A 191 15.22 -6.20 22.99
CA GLN A 191 15.66 -4.80 22.97
C GLN A 191 14.56 -3.88 22.47
N ASP A 192 14.62 -2.60 22.87
CA ASP A 192 13.75 -1.68 22.15
C ASP A 192 14.35 -1.34 20.78
N CYS A 193 13.52 -0.73 19.94
CA CYS A 193 13.90 -0.51 18.55
C CYS A 193 15.20 0.29 18.45
N PHE A 194 15.28 1.42 19.17
CA PHE A 194 16.46 2.27 19.02
C PHE A 194 17.71 1.55 19.48
N HIS A 195 17.62 0.78 20.57
CA HIS A 195 18.79 0.06 21.04
CA HIS A 195 18.80 0.07 21.04
C HIS A 195 19.21 -1.02 20.06
N TRP A 196 18.24 -1.75 19.51
CA TRP A 196 18.54 -2.80 18.53
C TRP A 196 19.17 -2.22 17.27
N LEU A 197 18.60 -1.11 16.77
CA LEU A 197 19.10 -0.54 15.51
C LEU A 197 20.56 -0.15 15.61
N ALA A 198 21.02 0.25 16.79
CA ALA A 198 22.39 0.70 16.94
C ALA A 198 23.38 -0.44 16.77
N THR A 199 22.92 -1.69 16.75
CA THR A 199 23.74 -2.88 16.54
C THR A 199 23.72 -3.38 15.10
N GLN A 200 23.07 -2.66 14.19
CA GLN A 200 22.76 -3.14 12.84
C GLN A 200 23.37 -2.16 11.84
N PRO A 201 24.63 -2.33 11.45
CA PRO A 201 25.29 -1.29 10.65
C PRO A 201 24.62 -0.92 9.33
N THR A 202 24.02 -1.89 8.61
CA THR A 202 23.40 -1.55 7.34
C THR A 202 22.19 -0.65 7.55
N ARG A 203 21.48 -0.84 8.66
CA ARG A 203 20.32 0.00 8.95
C ARG A 203 20.78 1.38 9.38
N ILE A 204 21.84 1.42 10.19
CA ILE A 204 22.44 2.70 10.58
CA ILE A 204 22.40 2.71 10.58
C ILE A 204 22.84 3.49 9.35
N ALA A 205 23.40 2.80 8.35
CA ALA A 205 23.86 3.49 7.16
C ALA A 205 22.68 4.14 6.45
N ASN A 206 21.55 3.43 6.38
CA ASN A 206 20.38 4.01 5.72
C ASN A 206 19.85 5.22 6.51
N PHE A 207 19.82 5.15 7.83
CA PHE A 207 19.39 6.31 8.62
C PHE A 207 20.29 7.51 8.39
N LYS A 208 21.60 7.28 8.26
CA LYS A 208 22.54 8.37 7.97
C LYS A 208 22.12 9.10 6.69
N VAL A 209 21.76 8.36 5.65
CA VAL A 209 21.32 9.02 4.42
C VAL A 209 19.98 9.70 4.62
N LEU A 210 19.09 9.06 5.35
CA LEU A 210 17.75 9.62 5.57
C LEU A 210 17.85 10.97 6.28
N LEU A 211 18.84 11.13 7.15
CA LEU A 211 18.99 12.43 7.82
C LEU A 211 19.31 13.56 6.87
N THR A 212 19.78 13.27 5.67
CA THR A 212 20.10 14.37 4.76
C THR A 212 18.86 14.95 4.08
N ASP A 213 17.72 14.26 4.14
CA ASP A 213 16.50 14.84 3.61
C ASP A 213 16.05 16.01 4.47
N GLU A 214 15.75 17.12 3.83
CA GLU A 214 15.23 18.29 4.55
C GLU A 214 13.79 18.52 4.15
N ARG A 215 12.89 18.55 5.13
CA ARG A 215 11.48 18.75 4.85
CA ARG A 215 11.48 18.73 4.81
C ARG A 215 11.20 20.20 4.50
N THR A 216 10.23 20.40 3.59
CA THR A 216 9.79 21.73 3.20
CA THR A 216 9.79 21.73 3.25
C THR A 216 8.27 21.75 3.22
N PRO A 217 7.63 22.85 3.67
CA PRO A 217 8.24 24.05 4.26
C PRO A 217 8.69 23.74 5.69
N ASN A 218 9.28 24.74 6.35
CA ASN A 218 9.71 24.53 7.73
C ASN A 218 9.12 25.66 8.59
N PHE A 219 9.29 25.52 9.92
CA PHE A 219 8.58 26.39 10.86
C PHE A 219 8.92 27.87 10.64
N LEU A 220 10.07 28.18 10.06
CA LEU A 220 10.42 29.60 9.91
C LEU A 220 9.54 30.29 8.89
N SER A 221 8.75 29.53 8.12
CA SER A 221 7.84 30.21 7.20
C SER A 221 6.74 30.98 7.93
N THR A 222 6.38 30.56 9.17
CA THR A 222 5.30 31.20 9.92
C THR A 222 5.70 31.59 11.33
N PHE A 223 6.88 31.22 11.80
CA PHE A 223 7.26 31.51 13.17
C PHE A 223 7.60 33.00 13.30
N PRO A 224 6.90 33.74 14.15
CA PRO A 224 7.18 35.20 14.26
C PRO A 224 8.34 35.44 15.23
N LEU A 225 9.55 35.24 14.71
CA LEU A 225 10.73 35.20 15.54
C LEU A 225 10.92 36.52 16.28
N GLU A 226 10.82 37.65 15.57
CA GLU A 226 11.05 38.93 16.27
C GLU A 226 10.00 39.14 17.36
N LYS A 227 8.75 38.76 17.10
CA LYS A 227 7.74 38.88 18.15
C LYS A 227 8.06 38.00 19.35
N GLU A 228 8.47 36.73 19.10
CA GLU A 228 8.77 35.82 20.21
C GLU A 228 10.05 36.25 20.94
N LEU A 229 10.99 36.86 20.21
CA LEU A 229 12.21 37.36 20.83
CA LEU A 229 12.21 37.32 20.85
C LEU A 229 11.94 38.46 21.83
N GLY A 230 10.99 39.34 21.50
CA GLY A 230 10.79 40.53 22.33
C GLY A 230 12.09 41.29 22.48
N SER A 231 12.40 41.67 23.71
CA SER A 231 13.62 42.44 23.96
C SER A 231 14.75 41.59 24.48
N TRP A 232 14.72 40.27 24.24
CA TRP A 232 15.80 39.39 24.68
C TRP A 232 17.13 39.93 24.18
N SER A 233 18.12 39.93 25.08
CA SER A 233 19.45 40.39 24.73
C SER A 233 20.38 39.19 24.62
N ALA A 234 21.19 39.17 23.56
CA ALA A 234 22.26 38.18 23.43
C ALA A 234 23.46 38.54 24.27
N GLU A 235 23.49 39.75 24.86
CA GLU A 235 24.68 40.16 25.64
C GLU A 235 24.59 39.61 27.06
N PRO A 236 25.73 39.22 27.68
CA PRO A 236 27.08 39.26 27.09
C PRO A 236 27.36 38.16 26.05
N GLU A 237 27.02 36.90 26.30
CA GLU A 237 27.33 35.85 25.31
C GLU A 237 26.29 34.73 25.41
N LYS A 238 25.03 35.08 25.20
CA LYS A 238 23.93 34.16 25.45
C LYS A 238 23.58 33.37 24.20
N ALA A 239 22.87 32.27 24.42
CA ALA A 239 22.43 31.36 23.36
C ALA A 239 21.06 31.72 22.84
N LEU A 240 20.97 31.94 21.53
CA LEU A 240 19.68 32.20 20.89
C LEU A 240 18.89 30.91 20.65
N PHE A 241 19.56 29.86 20.18
CA PHE A 241 18.84 28.71 19.62
C PHE A 241 19.66 27.46 19.87
N VAL A 242 19.08 26.48 20.56
CA VAL A 242 19.73 25.22 20.88
C VAL A 242 18.89 24.15 20.22
N ASP A 243 19.44 23.50 19.19
CA ASP A 243 18.72 22.53 18.35
C ASP A 243 18.99 21.14 18.91
N ILE A 244 18.06 20.62 19.70
CA ILE A 244 18.32 19.43 20.50
C ILE A 244 17.95 18.18 19.67
N GLY A 245 18.94 17.37 19.37
CA GLY A 245 18.77 16.28 18.43
C GLY A 245 18.58 16.84 17.03
N GLY A 246 19.37 17.88 16.67
CA GLY A 246 19.20 18.60 15.42
C GLY A 246 19.68 17.88 14.16
N GLY A 247 20.23 16.67 14.28
CA GLY A 247 20.63 15.94 13.07
C GLY A 247 21.67 16.69 12.29
N MET A 248 21.41 16.90 10.99
CA MET A 248 22.34 17.64 10.14
C MET A 248 22.33 19.14 10.44
N GLY A 249 21.50 19.60 11.35
CA GLY A 249 21.45 21.02 11.68
C GLY A 249 20.66 21.88 10.72
N HIS A 250 19.76 21.29 9.92
CA HIS A 250 19.01 22.10 8.97
C HIS A 250 18.30 23.27 9.63
N ALA A 251 17.73 23.08 10.83
CA ALA A 251 17.00 24.19 11.45
C ALA A 251 17.96 25.34 11.76
N CYS A 252 19.15 25.00 12.27
CA CYS A 252 20.17 26.02 12.56
C CYS A 252 20.56 26.76 11.29
N ILE A 253 20.79 26.02 10.19
CA ILE A 253 21.19 26.63 8.93
C ILE A 253 20.10 27.56 8.42
N ARG A 254 18.85 27.09 8.44
CA ARG A 254 17.76 27.95 7.95
C ARG A 254 17.54 29.16 8.85
N LEU A 255 17.72 29.01 10.16
CA LEU A 255 17.57 30.13 11.08
C LEU A 255 18.59 31.21 10.76
N ARG A 256 19.86 30.82 10.65
CA ARG A 256 20.90 31.81 10.32
C ARG A 256 20.68 32.41 8.94
N GLU A 257 20.11 31.63 8.02
CA GLU A 257 19.87 32.15 6.67
C GLU A 257 18.76 33.20 6.68
N LYS A 258 17.68 32.92 7.41
CA LYS A 258 16.55 33.84 7.40
C LYS A 258 16.80 35.05 8.30
N TYR A 259 17.54 34.86 9.40
CA TYR A 259 17.80 35.90 10.39
C TYR A 259 19.30 36.11 10.53
N PRO A 260 19.96 36.60 9.48
CA PRO A 260 21.43 36.67 9.50
C PRO A 260 21.93 37.69 10.48
N ASN A 261 21.08 38.65 10.90
CA ASN A 261 21.52 39.74 11.75
C ASN A 261 21.11 39.57 13.21
N GLN A 262 20.44 38.50 13.57
CA GLN A 262 20.05 38.32 14.99
C GLN A 262 21.23 37.71 15.76
N PRO A 263 21.70 38.37 16.81
CA PRO A 263 22.84 37.85 17.57
C PRO A 263 22.43 36.73 18.52
N GLY A 264 23.44 35.99 18.98
CA GLY A 264 23.25 34.95 19.97
C GLY A 264 23.83 33.64 19.44
N ARG A 265 24.26 32.76 20.35
CA ARG A 265 24.80 31.46 19.94
C ARG A 265 23.71 30.62 19.28
N VAL A 266 24.08 29.91 18.20
CA VAL A 266 23.21 28.94 17.56
C VAL A 266 23.93 27.61 17.64
N ILE A 267 23.32 26.66 18.35
CA ILE A 267 24.05 25.46 18.77
C ILE A 267 23.30 24.23 18.29
N LEU A 268 24.00 23.38 17.55
CA LEU A 268 23.48 22.08 17.13
C LEU A 268 23.92 21.03 18.14
N GLN A 269 22.97 20.31 18.71
CA GLN A 269 23.28 19.25 19.67
C GLN A 269 22.85 17.92 19.11
N ASP A 270 23.74 16.93 19.13
CA ASP A 270 23.38 15.58 18.71
C ASP A 270 24.48 14.65 19.22
N LEU A 271 24.41 13.37 18.83
CA LEU A 271 25.47 12.46 19.26
C LEU A 271 26.67 12.57 18.31
N PRO A 272 27.87 12.17 18.77
CA PRO A 272 29.09 12.49 18.00
C PRO A 272 29.05 11.99 16.57
N PRO A 273 28.58 10.76 16.29
CA PRO A 273 28.66 10.28 14.89
C PRO A 273 27.81 11.10 13.96
N VAL A 274 26.73 11.68 14.48
CA VAL A 274 25.85 12.51 13.66
C VAL A 274 26.44 13.90 13.49
N LEU A 275 27.03 14.47 14.55
CA LEU A 275 27.71 15.75 14.39
C LEU A 275 28.83 15.65 13.36
N GLN A 276 29.56 14.51 13.35
CA GLN A 276 30.64 14.37 12.38
C GLN A 276 30.10 14.36 10.96
N ALA A 277 28.97 13.67 10.75
CA ALA A 277 28.33 13.68 9.45
C ALA A 277 27.84 15.07 9.08
N ALA A 278 27.41 15.87 10.06
CA ALA A 278 26.92 17.21 9.76
C ALA A 278 28.02 18.17 9.31
N GLN A 279 29.29 17.94 9.67
CA GLN A 279 30.32 18.97 9.52
C GLN A 279 30.49 19.42 8.07
N ALA A 280 30.39 18.48 7.12
CA ALA A 280 30.74 18.81 5.74
C ALA A 280 29.81 19.87 5.16
N THR A 281 28.55 19.91 5.61
CA THR A 281 27.60 20.83 5.03
C THR A 281 27.15 21.93 6.01
N LEU A 282 27.76 22.04 7.19
CA LEU A 282 27.49 23.19 8.05
C LEU A 282 28.24 24.43 7.56
N PRO A 283 27.70 25.64 7.78
CA PRO A 283 28.47 26.86 7.45
C PRO A 283 29.77 26.86 8.22
N LEU A 284 30.76 27.62 7.71
CA LEU A 284 32.09 27.61 8.32
C LEU A 284 32.10 28.33 9.67
N SER A 285 31.09 29.15 9.93
CA SER A 285 31.07 29.93 11.16
C SER A 285 29.61 30.20 11.49
N GLY A 286 29.37 30.42 12.78
CA GLY A 286 28.07 30.85 13.24
C GLY A 286 27.24 29.76 13.87
N ILE A 287 27.58 28.48 13.66
CA ILE A 287 26.80 27.37 14.22
C ILE A 287 27.75 26.46 14.95
N GLU A 288 27.54 26.29 16.27
CA GLU A 288 28.39 25.42 17.07
C GLU A 288 27.85 24.01 17.03
N SER A 289 28.76 23.03 17.08
CA SER A 289 28.40 21.62 17.10
C SER A 289 28.75 21.10 18.48
N MET A 290 27.76 20.76 19.27
CA MET A 290 28.00 20.41 20.67
C MET A 290 27.50 19.00 20.91
N PRO A 291 28.37 18.01 21.15
CA PRO A 291 27.85 16.67 21.48
C PRO A 291 27.04 16.74 22.77
N HIS A 292 25.87 16.10 22.78
CA HIS A 292 24.99 16.11 23.93
C HIS A 292 23.95 15.02 23.75
N ASN A 293 23.83 14.17 24.77
CA ASN A 293 22.79 13.15 24.81
C ASN A 293 21.57 13.76 25.50
N PHE A 294 20.44 13.85 24.77
CA PHE A 294 19.29 14.53 25.36
C PHE A 294 18.61 13.73 26.48
N HIS A 295 19.14 12.58 26.86
CA HIS A 295 18.70 11.93 28.10
C HIS A 295 19.48 12.42 29.33
N THR A 296 20.30 13.46 29.18
CA THR A 296 21.05 14.04 30.27
C THR A 296 20.72 15.53 30.41
N PRO A 297 21.08 16.14 31.53
CA PRO A 297 20.70 17.54 31.75
C PRO A 297 21.27 18.45 30.67
N GLN A 298 20.44 19.40 30.24
CA GLN A 298 20.81 20.37 29.21
C GLN A 298 21.95 21.26 29.70
N PRO A 299 23.09 21.27 29.04
CA PRO A 299 24.21 22.05 29.56
C PRO A 299 24.10 23.55 29.27
N VAL A 300 23.45 23.95 28.18
CA VAL A 300 23.42 25.36 27.79
C VAL A 300 22.38 26.08 28.66
N GLN A 301 22.83 27.07 29.44
CA GLN A 301 21.95 27.76 30.38
C GLN A 301 21.33 29.02 29.77
N GLY A 302 20.03 29.20 30.04
CA GLY A 302 19.34 30.46 29.73
C GLY A 302 19.18 30.78 28.26
N ALA A 303 19.13 29.77 27.39
CA ALA A 303 18.94 30.02 25.98
C ALA A 303 17.54 30.59 25.73
N LYS A 304 17.40 31.40 24.68
CA LYS A 304 16.05 31.90 24.37
C LYS A 304 15.15 30.74 23.88
N PHE A 305 15.65 29.92 22.97
CA PHE A 305 14.86 28.84 22.38
C PHE A 305 15.60 27.51 22.51
N TYR A 306 14.95 26.53 23.15
CA TYR A 306 15.39 25.13 23.12
C TYR A 306 14.44 24.41 22.18
N PHE A 307 14.95 23.89 21.08
CA PHE A 307 14.15 23.45 19.94
C PHE A 307 14.21 21.92 19.82
N LEU A 308 13.03 21.28 19.75
CA LEU A 308 12.89 19.81 19.65
C LEU A 308 12.01 19.55 18.44
N ARG A 309 12.61 19.24 17.27
CA ARG A 309 11.82 18.98 16.07
C ARG A 309 11.78 17.48 15.78
N LEU A 310 10.56 16.93 15.76
CA LEU A 310 10.35 15.51 15.45
C LEU A 310 11.22 14.63 16.36
N ILE A 311 11.31 15.02 17.64
CA ILE A 311 12.01 14.22 18.63
C ILE A 311 11.01 13.48 19.50
N LEU A 312 10.08 14.23 20.10
CA LEU A 312 9.25 13.66 21.15
C LEU A 312 8.22 12.67 20.62
N ARG A 313 7.85 12.76 19.33
CA ARG A 313 6.93 11.78 18.76
CA ARG A 313 6.91 11.78 18.80
C ARG A 313 7.49 10.37 18.80
N ASP A 314 8.81 10.20 18.95
CA ASP A 314 9.43 8.88 18.93
C ASP A 314 9.46 8.19 20.29
N PHE A 315 8.93 8.83 21.32
CA PHE A 315 9.00 8.33 22.69
C PHE A 315 7.62 8.27 23.33
N PRO A 316 7.33 7.20 24.09
CA PRO A 316 6.15 7.22 24.96
C PRO A 316 6.25 8.34 25.99
N ASP A 317 5.12 8.62 26.64
CA ASP A 317 5.06 9.76 27.56
C ASP A 317 6.16 9.75 28.62
N HIS A 318 6.40 8.61 29.25
CA HIS A 318 7.37 8.59 30.35
C HIS A 318 8.74 9.10 29.89
N GLN A 319 9.20 8.63 28.72
CA GLN A 319 10.51 9.01 28.19
C GLN A 319 10.47 10.41 27.59
N ALA A 320 9.38 10.77 26.93
CA ALA A 320 9.26 12.14 26.39
C ALA A 320 9.29 13.15 27.53
N LEU A 321 8.62 12.82 28.63
CA LEU A 321 8.63 13.69 29.79
C LEU A 321 10.05 13.86 30.34
N GLU A 322 10.81 12.76 30.42
CA GLU A 322 12.19 12.81 30.89
CA GLU A 322 12.17 12.86 30.92
C GLU A 322 13.03 13.75 30.05
N ILE A 323 12.84 13.72 28.72
CA ILE A 323 13.60 14.61 27.82
C ILE A 323 13.29 16.07 28.15
N LEU A 324 12.01 16.38 28.38
CA LEU A 324 11.63 17.74 28.76
C LEU A 324 12.19 18.11 30.13
N GLN A 325 12.11 17.21 31.12
CA GLN A 325 12.58 17.52 32.47
C GLN A 325 14.08 17.75 32.50
N ASN A 326 14.81 17.18 31.54
CA ASN A 326 16.24 17.46 31.41
C ASN A 326 16.54 18.89 30.93
N ILE A 327 15.57 19.54 30.30
CA ILE A 327 15.79 20.90 29.79
C ILE A 327 15.33 21.96 30.78
N VAL A 328 14.23 21.70 31.48
CA VAL A 328 13.57 22.72 32.30
C VAL A 328 14.53 23.42 33.27
N PRO A 329 15.41 22.71 33.99
CA PRO A 329 16.28 23.41 34.96
C PRO A 329 17.24 24.42 34.35
N ALA A 330 17.55 24.33 33.05
CA ALA A 330 18.40 25.28 32.33
C ALA A 330 17.68 26.56 31.93
N MET A 331 16.35 26.59 32.00
CA MET A 331 15.55 27.70 31.51
C MET A 331 15.59 28.89 32.47
N ASP A 332 15.66 30.09 31.93
CA ASP A 332 15.33 31.24 32.76
C ASP A 332 13.93 31.71 32.33
N ALA A 333 13.50 32.85 32.87
CA ALA A 333 12.12 33.27 32.67
C ALA A 333 11.83 33.56 31.20
N GLU A 334 12.82 34.06 30.45
CA GLU A 334 12.63 34.31 29.04
C GLU A 334 12.82 33.06 28.17
N SER A 335 13.40 31.98 28.71
CA SER A 335 13.60 30.80 27.86
C SER A 335 12.26 30.20 27.41
N ARG A 336 12.29 29.56 26.24
CA ARG A 336 11.11 28.85 25.75
C ARG A 336 11.58 27.51 25.22
N ILE A 337 10.76 26.46 25.43
CA ILE A 337 10.96 25.20 24.75
C ILE A 337 10.02 25.21 23.55
N VAL A 338 10.56 24.95 22.36
CA VAL A 338 9.78 24.97 21.14
C VAL A 338 9.71 23.52 20.66
N ILE A 339 8.52 22.89 20.76
CA ILE A 339 8.32 21.54 20.22
C ILE A 339 7.78 21.71 18.81
N ASP A 340 8.50 21.19 17.81
CA ASP A 340 8.10 21.32 16.42
C ASP A 340 7.73 19.89 16.01
N ASP A 341 6.44 19.61 15.85
CA ASP A 341 6.05 18.22 15.69
C ASP A 341 4.65 18.20 15.10
N GLY A 342 4.13 16.99 14.93
CA GLY A 342 2.77 16.86 14.41
C GLY A 342 1.73 17.16 15.48
N VAL A 343 0.68 17.85 15.06
CA VAL A 343 -0.43 18.17 15.97
C VAL A 343 -1.76 17.77 15.35
N PRO A 344 -2.07 16.48 15.29
CA PRO A 344 -3.31 16.06 14.62
C PRO A 344 -4.52 16.64 15.33
N PRO A 345 -5.62 16.83 14.62
CA PRO A 345 -6.85 17.35 15.25
C PRO A 345 -7.54 16.32 16.12
N GLU A 346 -8.49 16.83 16.93
CA GLU A 346 -9.33 16.00 17.78
C GLU A 346 -10.19 15.04 16.99
N LYS A 347 -10.59 15.45 15.78
CA LYS A 347 -11.36 14.58 14.89
C LYS A 347 -11.03 14.90 13.43
N GLY A 348 -11.36 13.95 12.55
CA GLY A 348 -11.08 14.18 11.15
C GLY A 348 -9.59 14.15 10.79
N ALA A 349 -8.77 13.45 11.58
CA ALA A 349 -7.35 13.37 11.25
C ALA A 349 -7.13 12.66 9.92
N ARG A 350 -6.06 13.02 9.23
CA ARG A 350 -5.75 12.53 7.87
C ARG A 350 -4.87 11.27 7.95
N TRP A 351 -4.83 10.52 6.84
CA TRP A 351 -4.10 9.25 6.85
C TRP A 351 -2.62 9.41 7.15
N ALA A 352 -1.99 10.54 6.76
CA ALA A 352 -0.56 10.65 7.04
C ALA A 352 -0.31 10.72 8.53
N GLU A 353 -1.22 11.34 9.28
CA GLU A 353 -0.94 11.44 10.70
C GLU A 353 -1.46 10.21 11.45
N THR A 354 -2.54 9.58 10.99
CA THR A 354 -2.95 8.39 11.71
C THR A 354 -2.11 7.18 11.30
N GLY A 355 -1.72 7.09 10.02
CA GLY A 355 -0.81 6.03 9.64
C GLY A 355 0.51 6.13 10.37
N THR A 356 1.01 7.35 10.57
CA THR A 356 2.24 7.51 11.35
C THR A 356 2.02 7.01 12.77
N ASP A 357 0.88 7.37 13.36
CA ASP A 357 0.53 6.95 14.72
C ASP A 357 0.58 5.42 14.86
N ILE A 358 -0.01 4.69 13.90
CA ILE A 358 0.00 3.22 14.00
C ILE A 358 1.40 2.67 13.86
N CYS A 359 2.20 3.26 12.96
CA CYS A 359 3.57 2.75 12.74
C CYS A 359 4.46 2.98 13.95
N ILE A 360 4.43 4.20 14.52
CA ILE A 360 5.30 4.45 15.66
C ILE A 360 4.78 3.75 16.91
N MET A 361 3.48 3.47 16.99
CA MET A 361 2.99 2.60 18.04
C MET A 361 3.65 1.23 17.94
N SER A 362 3.69 0.69 16.71
CA SER A 362 4.10 -0.68 16.48
C SER A 362 5.61 -0.85 16.62
N ALA A 363 6.40 0.15 16.21
CA ALA A 363 7.86 0.05 16.27
C ALA A 363 8.44 0.61 17.56
N LEU A 364 7.89 1.73 18.05
CA LEU A 364 8.52 2.52 19.12
C LEU A 364 7.69 2.57 20.39
N GLY A 365 6.43 2.10 20.37
CA GLY A 365 5.57 2.26 21.52
C GLY A 365 5.04 3.67 21.76
N SER A 366 5.27 4.59 20.83
CA SER A 366 4.94 6.01 21.04
C SER A 366 3.64 6.33 20.29
N LYS A 367 3.43 7.60 19.95
CA LYS A 367 2.11 8.01 19.49
C LYS A 367 2.19 9.44 18.96
N GLU A 368 1.31 9.76 18.01
CA GLU A 368 1.00 11.16 17.69
C GLU A 368 0.17 11.79 18.80
N ARG A 369 0.35 13.09 18.99
CA ARG A 369 -0.32 13.80 20.10
C ARG A 369 -1.12 14.98 19.56
N THR A 370 -2.37 15.09 19.99
CA THR A 370 -3.16 16.30 19.76
C THR A 370 -2.60 17.46 20.58
N GLN A 371 -3.13 18.63 20.33
CA GLN A 371 -2.68 19.79 21.09
C GLN A 371 -2.92 19.56 22.58
N ARG A 372 -4.10 19.04 22.95
CA ARG A 372 -4.38 18.82 24.35
C ARG A 372 -3.44 17.81 24.97
N GLN A 373 -3.08 16.76 24.20
CA GLN A 373 -2.13 15.76 24.68
C GLN A 373 -0.73 16.35 24.83
N TRP A 374 -0.32 17.22 23.91
CA TRP A 374 0.96 17.91 24.09
C TRP A 374 0.93 18.78 25.35
N GLU A 375 -0.17 19.51 25.56
CA GLU A 375 -0.24 20.34 26.76
C GLU A 375 -0.24 19.53 28.05
N GLU A 376 -0.92 18.40 28.06
CA GLU A 376 -0.89 17.57 29.26
C GLU A 376 0.52 17.04 29.53
N LEU A 377 1.23 16.60 28.48
CA LEU A 377 2.60 16.13 28.66
C LEU A 377 3.48 17.26 29.19
N ALA A 378 3.38 18.45 28.57
CA ALA A 378 4.25 19.55 28.96
C ALA A 378 3.94 20.04 30.38
N ALA A 379 2.67 19.99 30.78
CA ALA A 379 2.31 20.42 32.12
C ALA A 379 3.00 19.55 33.18
N LYS A 380 3.20 18.26 32.88
CA LYS A 380 3.91 17.37 33.81
C LYS A 380 5.34 17.80 34.02
N ALA A 381 5.90 18.54 33.07
CA ALA A 381 7.25 19.08 33.17
C ALA A 381 7.27 20.50 33.69
N GLY A 382 6.13 21.03 34.10
CA GLY A 382 6.07 22.38 34.62
C GLY A 382 6.02 23.44 33.56
N LEU A 383 5.51 23.12 32.38
CA LEU A 383 5.51 24.01 31.22
C LEU A 383 4.08 24.39 30.83
N GLN A 384 3.92 25.59 30.27
CA GLN A 384 2.62 26.05 29.79
C GLN A 384 2.75 26.51 28.35
N LEU A 385 1.72 26.26 27.57
CA LEU A 385 1.75 26.62 26.15
C LEU A 385 1.48 28.13 26.01
N GLN A 386 2.39 28.86 25.35
CA GLN A 386 2.18 30.29 25.09
C GLN A 386 1.64 30.59 23.71
N ALA A 387 2.05 29.79 22.72
CA ALA A 387 1.69 30.08 21.33
C ALA A 387 1.87 28.83 20.51
N LEU A 388 1.10 28.74 19.42
CA LEU A 388 1.24 27.58 18.51
C LEU A 388 1.18 28.13 17.10
N TYR A 389 2.22 27.83 16.31
CA TYR A 389 2.36 28.39 14.95
C TYR A 389 2.40 27.25 13.96
N GLN A 390 1.24 26.96 13.38
CA GLN A 390 1.13 25.97 12.31
CA GLN A 390 1.16 25.94 12.34
C GLN A 390 1.94 26.40 11.11
N TYR A 391 2.57 25.42 10.41
CA TYR A 391 3.24 25.76 9.14
C TYR A 391 3.00 24.79 7.99
N THR A 392 2.20 23.73 8.19
CA THR A 392 1.73 22.88 7.11
C THR A 392 0.25 22.60 7.30
N TRP A 393 -0.42 22.30 6.19
CA TRP A 393 -1.85 22.03 6.11
C TRP A 393 -2.04 21.11 4.91
N PRO A 394 -3.05 20.23 4.93
CA PRO A 394 -3.98 19.99 6.04
C PRO A 394 -3.41 19.12 7.14
N VAL A 395 -2.37 18.32 6.87
CA VAL A 395 -1.69 17.62 7.96
C VAL A 395 -0.89 18.65 8.73
N VAL A 396 -1.13 18.75 10.05
CA VAL A 396 -0.63 19.84 10.89
C VAL A 396 0.74 19.50 11.44
N ASN A 397 1.73 20.31 11.06
CA ASN A 397 2.97 20.44 11.82
C ASN A 397 3.01 21.85 12.36
N ALA A 398 3.46 22.00 13.61
CA ALA A 398 3.41 23.34 14.20
C ALA A 398 4.57 23.47 15.17
N ALA A 399 5.04 24.71 15.35
CA ALA A 399 6.01 25.05 16.40
C ALA A 399 5.20 25.47 17.62
N MET A 400 5.21 24.64 18.64
CA MET A 400 4.53 24.94 19.91
C MET A 400 5.54 25.56 20.86
N VAL A 401 5.23 26.77 21.37
CA VAL A 401 6.14 27.55 22.24
C VAL A 401 5.67 27.42 23.68
N PHE A 402 6.48 26.78 24.53
CA PHE A 402 6.21 26.57 25.95
C PHE A 402 7.13 27.41 26.85
N SER A 403 6.56 27.94 27.92
CA SER A 403 7.36 28.61 28.96
C SER A 403 7.16 27.90 30.28
N LEU A 404 8.01 28.26 31.24
CA LEU A 404 7.82 27.84 32.62
C LEU A 404 6.43 28.26 33.11
N GLN A 405 5.78 27.38 33.88
CA GLN A 405 4.46 27.66 34.44
C GLN A 405 4.56 28.78 35.45
N SER B 17 -11.97 29.80 -1.92
CA SER B 17 -11.73 28.90 -0.78
C SER B 17 -11.35 27.49 -1.26
N ASN B 18 -10.30 26.93 -0.63
CA ASN B 18 -9.86 25.57 -0.91
CA ASN B 18 -9.90 25.59 -0.98
C ASN B 18 -10.96 24.56 -0.60
N ALA B 19 -11.57 24.70 0.57
CA ALA B 19 -12.63 23.76 0.91
C ALA B 19 -13.77 23.82 -0.11
N GLU B 20 -14.14 25.03 -0.57
CA GLU B 20 -15.21 25.13 -1.56
C GLU B 20 -14.80 24.45 -2.88
N THR B 21 -13.57 24.69 -3.33
CA THR B 21 -13.09 24.05 -4.55
C THR B 21 -13.09 22.54 -4.42
N VAL B 22 -12.57 22.01 -3.30
CA VAL B 22 -12.50 20.57 -3.13
C VAL B 22 -13.90 19.95 -3.12
N ALA B 23 -14.86 20.64 -2.48
CA ALA B 23 -16.20 20.08 -2.44
C ALA B 23 -16.81 20.11 -3.81
N ALA B 24 -16.45 21.13 -4.62
CA ALA B 24 -17.01 21.20 -5.96
C ALA B 24 -16.42 20.11 -6.86
N ILE B 25 -15.13 19.81 -6.70
CA ILE B 25 -14.55 18.70 -7.45
C ILE B 25 -15.26 17.40 -7.12
N LYS B 26 -15.47 17.15 -5.81
CA LYS B 26 -16.16 15.94 -5.39
C LYS B 26 -17.56 15.83 -5.99
N THR B 27 -18.31 16.95 -5.96
CA THR B 27 -19.68 16.93 -6.50
C THR B 27 -19.64 16.60 -7.99
N LEU B 28 -18.72 17.22 -8.73
CA LEU B 28 -18.77 17.04 -10.18
C LEU B 28 -18.29 15.64 -10.55
N ILE B 29 -17.23 15.15 -9.90
CA ILE B 29 -16.78 13.80 -10.26
C ILE B 29 -17.81 12.74 -9.83
N GLN B 30 -18.49 12.94 -8.70
CA GLN B 30 -19.56 12.00 -8.31
C GLN B 30 -20.68 11.98 -9.35
N GLN B 31 -21.10 13.16 -9.83
CA GLN B 31 -22.17 13.21 -10.82
C GLN B 31 -21.74 12.53 -12.12
N LEU B 32 -20.50 12.80 -12.57
CA LEU B 32 -19.99 12.14 -13.77
C LEU B 32 -19.91 10.63 -13.58
N ALA B 33 -19.44 10.18 -12.41
CA ALA B 33 -19.35 8.74 -12.15
C ALA B 33 -20.73 8.06 -12.21
N GLN B 34 -21.74 8.67 -11.60
CA GLN B 34 -23.10 8.12 -11.63
C GLN B 34 -23.64 7.99 -13.03
N SER B 35 -23.20 8.84 -13.94
CA SER B 35 -23.78 8.92 -15.27
C SER B 35 -23.18 7.93 -16.23
N THR B 36 -22.16 7.19 -15.83
CA THR B 36 -21.60 6.19 -16.74
C THR B 36 -21.87 4.81 -16.14
N ASP B 37 -21.28 3.78 -16.74
CA ASP B 37 -21.49 2.42 -16.28
C ASP B 37 -20.27 1.97 -15.47
N GLN B 38 -20.23 0.69 -15.11
CA GLN B 38 -19.15 0.25 -14.21
C GLN B 38 -17.79 0.38 -14.88
N PHE B 39 -17.74 0.21 -16.20
CA PHE B 39 -16.46 0.29 -16.87
C PHE B 39 -15.99 1.74 -16.93
N GLY B 40 -16.93 2.67 -17.17
CA GLY B 40 -16.56 4.09 -17.14
C GLY B 40 -16.12 4.54 -15.75
N ARG B 41 -16.75 4.00 -14.71
CA ARG B 41 -16.29 4.36 -13.37
C ARG B 41 -14.88 3.84 -13.08
N ALA B 42 -14.57 2.64 -13.58
CA ALA B 42 -13.23 2.11 -13.43
C ALA B 42 -12.22 3.01 -14.14
N GLU B 43 -12.56 3.51 -15.33
CA GLU B 43 -11.68 4.44 -16.02
C GLU B 43 -11.49 5.74 -15.23
N ILE B 44 -12.57 6.27 -14.62
CA ILE B 44 -12.44 7.49 -13.82
C ILE B 44 -11.52 7.21 -12.63
N ASN B 45 -11.73 6.08 -11.97
CA ASN B 45 -10.89 5.76 -10.80
C ASN B 45 -9.41 5.67 -11.16
N ASP B 46 -9.08 5.02 -12.28
CA ASP B 46 -7.67 4.95 -12.69
C ASP B 46 -7.12 6.34 -12.96
N ALA B 47 -7.96 7.21 -13.52
CA ALA B 47 -7.50 8.58 -13.79
C ALA B 47 -7.31 9.36 -12.50
N LEU B 48 -8.18 9.14 -11.50
CA LEU B 48 -7.96 9.81 -10.22
C LEU B 48 -6.64 9.35 -9.60
N ARG B 49 -6.32 8.05 -9.69
CA ARG B 49 -5.03 7.59 -9.17
C ARG B 49 -3.90 8.29 -9.89
N GLU B 50 -3.98 8.33 -11.22
CA GLU B 50 -2.89 8.93 -12.00
C GLU B 50 -2.71 10.40 -11.63
N LEU B 51 -3.84 11.11 -11.47
CA LEU B 51 -3.78 12.51 -11.03
C LEU B 51 -3.10 12.64 -9.68
N GLN B 52 -3.50 11.82 -8.70
N GLN B 52 -3.50 11.80 -8.73
CA GLN B 52 -2.85 11.91 -7.39
CA GLN B 52 -2.91 11.82 -7.40
C GLN B 52 -1.34 11.73 -7.52
C GLN B 52 -1.39 11.65 -7.45
N TYR B 53 -0.91 10.70 -8.27
CA TYR B 53 0.51 10.41 -8.34
C TYR B 53 1.26 11.55 -9.02
N SER B 54 0.66 12.21 -10.00
CA SER B 54 1.36 13.30 -10.68
C SER B 54 1.36 14.59 -9.87
N LEU B 55 0.39 14.78 -8.96
CA LEU B 55 0.28 16.03 -8.19
C LEU B 55 0.95 15.96 -6.82
N GLU B 56 1.33 14.78 -6.34
CA GLU B 56 1.96 14.65 -5.02
CA GLU B 56 1.97 14.61 -5.04
C GLU B 56 3.38 15.20 -5.05
N THR B 57 3.82 15.73 -3.89
CA THR B 57 5.20 16.17 -3.78
C THR B 57 6.11 14.95 -3.64
N PRO B 58 7.42 15.12 -3.86
CA PRO B 58 8.35 13.99 -3.60
C PRO B 58 8.20 13.38 -2.20
N PHE B 59 8.13 14.22 -1.16
CA PHE B 59 7.91 13.68 0.17
C PHE B 59 6.60 12.91 0.26
N ASP B 60 5.52 13.45 -0.34
CA ASP B 60 4.23 12.76 -0.30
C ASP B 60 4.30 11.39 -0.96
N THR B 61 5.08 11.27 -2.04
CA THR B 61 5.25 9.98 -2.71
C THR B 61 5.83 8.95 -1.73
N VAL B 62 6.88 9.32 -1.02
CA VAL B 62 7.48 8.37 -0.09
C VAL B 62 6.54 8.11 1.10
N MET B 63 5.84 9.17 1.59
CA MET B 63 4.83 8.98 2.64
CA MET B 63 4.89 8.92 2.66
C MET B 63 3.77 7.98 2.22
N ARG B 64 3.28 8.13 0.98
CA ARG B 64 2.22 7.24 0.50
C ARG B 64 2.72 5.80 0.43
N MET B 65 3.90 5.62 -0.18
CA MET B 65 4.42 4.25 -0.29
C MET B 65 4.69 3.67 1.08
N SER B 66 5.12 4.51 2.04
CA SER B 66 5.44 4.03 3.38
C SER B 66 4.19 3.63 4.16
N LEU B 67 3.12 4.40 4.04
CA LEU B 67 1.97 4.19 4.93
C LEU B 67 0.82 3.42 4.29
N ASP B 68 0.73 3.29 2.96
CA ASP B 68 -0.48 2.65 2.44
C ASP B 68 -0.49 1.15 2.85
N THR B 69 0.69 0.62 3.18
CA THR B 69 0.93 -0.67 3.84
C THR B 69 0.05 -0.90 5.10
N CYS B 70 -0.20 0.16 5.85
CA CYS B 70 -0.98 0.05 7.08
C CYS B 70 -2.39 -0.49 6.82
N GLN B 71 -2.96 -0.26 5.64
CA GLN B 71 -4.38 -0.61 5.45
C GLN B 71 -4.59 -2.11 5.60
N VAL B 72 -3.73 -2.93 5.00
CA VAL B 72 -3.99 -4.36 5.09
C VAL B 72 -3.75 -4.86 6.51
N ALA B 73 -2.73 -4.34 7.21
CA ALA B 73 -2.48 -4.78 8.57
C ALA B 73 -3.66 -4.43 9.47
N VAL B 74 -4.21 -3.22 9.29
CA VAL B 74 -5.30 -2.80 10.18
C VAL B 74 -6.61 -3.50 9.80
N ALA B 75 -6.82 -3.77 8.50
CA ALA B 75 -7.99 -4.56 8.10
C ALA B 75 -7.90 -5.96 8.70
N ARG B 76 -6.70 -6.54 8.70
CA ARG B 76 -6.56 -7.86 9.31
CA ARG B 76 -6.51 -7.85 9.32
C ARG B 76 -6.91 -7.82 10.80
N ILE B 77 -6.51 -6.77 11.50
CA ILE B 77 -6.88 -6.62 12.91
C ILE B 77 -8.39 -6.45 13.06
N GLY B 78 -9.00 -5.62 12.21
CA GLY B 78 -10.44 -5.44 12.31
C GLY B 78 -11.16 -6.75 12.05
N SER B 79 -10.66 -7.53 11.09
CA SER B 79 -11.24 -8.84 10.81
C SER B 79 -11.10 -9.78 12.01
N ASP B 80 -9.91 -9.81 12.63
CA ASP B 80 -9.68 -10.66 13.80
C ASP B 80 -10.66 -10.33 14.91
N LEU B 81 -10.91 -9.04 15.12
CA LEU B 81 -11.83 -8.57 16.14
C LEU B 81 -13.31 -8.74 15.79
N GLY B 82 -13.63 -8.99 14.52
CA GLY B 82 -15.01 -8.98 14.08
C GLY B 82 -15.60 -7.61 13.95
N LEU B 83 -14.75 -6.57 13.86
CA LEU B 83 -15.23 -5.20 13.91
C LEU B 83 -16.12 -4.85 12.73
N PHE B 84 -15.75 -5.32 11.51
CA PHE B 84 -16.48 -4.84 10.35
C PHE B 84 -17.85 -5.48 10.29
N LYS B 85 -17.93 -6.78 10.61
CA LYS B 85 -19.23 -7.44 10.69
C LYS B 85 -20.11 -6.77 11.75
N HIS B 86 -19.54 -6.49 12.92
CA HIS B 86 -20.31 -5.89 14.01
C HIS B 86 -20.82 -4.49 13.63
N LEU B 87 -19.93 -3.64 13.11
CA LEU B 87 -20.33 -2.28 12.76
C LEU B 87 -21.35 -2.27 11.63
N SER B 88 -21.22 -3.21 10.68
CA SER B 88 -22.16 -3.26 9.57
CA SER B 88 -22.15 -3.28 9.57
C SER B 88 -23.58 -3.58 10.02
N GLN B 89 -23.76 -4.17 11.19
CA GLN B 89 -25.11 -4.44 11.65
C GLN B 89 -25.55 -3.54 12.80
N CYS B 90 -24.75 -2.54 13.17
CA CYS B 90 -25.21 -1.61 14.19
C CYS B 90 -26.18 -0.60 13.58
N ALA B 91 -27.20 -0.24 14.33
CA ALA B 91 -28.21 0.67 13.84
C ALA B 91 -27.98 2.12 14.29
N SER B 92 -26.99 2.39 15.12
CA SER B 92 -26.67 3.74 15.53
C SER B 92 -25.16 3.88 15.60
N PRO B 93 -24.64 5.10 15.57
CA PRO B 93 -23.18 5.28 15.73
C PRO B 93 -22.71 4.75 17.07
N GLN B 94 -21.53 4.17 17.09
CA GLN B 94 -20.92 3.58 18.28
C GLN B 94 -19.69 4.37 18.69
N SER B 95 -19.50 4.59 20.00
CA SER B 95 -18.26 5.21 20.44
C SER B 95 -17.10 4.18 20.42
N ALA B 96 -15.85 4.70 20.40
CA ALA B 96 -14.71 3.79 20.49
C ALA B 96 -14.78 2.95 21.75
N GLU B 97 -15.25 3.56 22.87
CA GLU B 97 -15.34 2.84 24.12
C GLU B 97 -16.31 1.67 23.99
N GLU B 98 -17.48 1.90 23.38
CA GLU B 98 -18.48 0.85 23.23
C GLU B 98 -17.94 -0.26 22.36
N LEU B 99 -17.29 0.09 21.26
CA LEU B 99 -16.71 -0.92 20.38
C LEU B 99 -15.63 -1.71 21.11
N ALA B 100 -14.76 -1.01 21.84
CA ALA B 100 -13.67 -1.69 22.53
C ALA B 100 -14.22 -2.73 23.53
N ASP B 101 -15.23 -2.32 24.30
CA ASP B 101 -15.77 -3.20 25.34
C ASP B 101 -16.50 -4.38 24.73
N HIS B 102 -17.24 -4.13 23.65
CA HIS B 102 -18.01 -5.19 23.00
C HIS B 102 -17.09 -6.22 22.34
N LEU B 103 -15.99 -5.75 21.73
CA LEU B 103 -15.15 -6.64 20.95
C LEU B 103 -13.93 -7.17 21.72
N GLY B 104 -13.71 -6.74 22.96
CA GLY B 104 -12.56 -7.21 23.75
C GLY B 104 -11.23 -6.63 23.30
N CYS B 105 -11.19 -5.32 23.09
CA CYS B 105 -9.99 -4.60 22.69
C CYS B 105 -9.69 -3.51 23.71
N GLY B 106 -8.39 -3.31 23.97
CA GLY B 106 -7.97 -2.19 24.79
C GLY B 106 -8.60 -0.91 24.29
N ARG B 107 -9.04 -0.03 25.18
CA ARG B 107 -9.79 1.14 24.75
C ARG B 107 -8.95 2.14 23.97
N GLU B 108 -7.71 2.40 24.40
CA GLU B 108 -6.88 3.33 23.65
C GLU B 108 -6.48 2.73 22.30
N LEU B 109 -6.16 1.44 22.28
CA LEU B 109 -5.85 0.77 21.01
C LEU B 109 -7.02 0.87 20.04
N MET B 110 -8.23 0.59 20.53
CA MET B 110 -9.40 0.64 19.66
C MET B 110 -9.61 2.05 19.12
N SER B 111 -9.43 3.05 19.98
CA SER B 111 -9.65 4.42 19.52
C SER B 111 -8.65 4.79 18.43
N ARG B 112 -7.37 4.39 18.60
CA ARG B 112 -6.36 4.71 17.59
C ARG B 112 -6.59 3.94 16.30
N LEU B 113 -7.01 2.66 16.41
CA LEU B 113 -7.32 1.90 15.20
C LEU B 113 -8.48 2.55 14.44
N LEU B 114 -9.54 2.94 15.17
CA LEU B 114 -10.70 3.55 14.51
C LEU B 114 -10.34 4.87 13.85
N ARG B 115 -9.54 5.71 14.52
CA ARG B 115 -9.16 6.97 13.87
C ARG B 115 -8.40 6.71 12.58
N TYR B 116 -7.50 5.71 12.59
CA TYR B 116 -6.80 5.33 11.37
C TYR B 116 -7.78 4.82 10.33
N MET B 117 -8.68 3.91 10.72
CA MET B 117 -9.64 3.38 9.74
C MET B 117 -10.50 4.49 9.14
N ALA B 118 -10.94 5.45 9.96
CA ALA B 118 -11.79 6.51 9.40
C ALA B 118 -11.02 7.35 8.40
N SER B 119 -9.72 7.58 8.66
CA SER B 119 -8.92 8.40 7.74
CA SER B 119 -8.88 8.38 7.75
C SER B 119 -8.73 7.75 6.37
N VAL B 120 -8.94 6.44 6.26
CA VAL B 120 -8.86 5.75 4.96
C VAL B 120 -10.22 5.15 4.56
N ARG B 121 -11.29 5.67 5.17
CA ARG B 121 -12.69 5.32 4.85
C ARG B 121 -13.02 3.85 5.12
N MET B 122 -12.21 3.16 5.94
N MET B 122 -12.22 3.13 5.93
CA MET B 122 -12.52 1.79 6.33
CA MET B 122 -12.60 1.76 6.29
C MET B 122 -13.72 1.73 7.29
C MET B 122 -13.77 1.73 7.26
N VAL B 123 -13.98 2.84 7.99
CA VAL B 123 -15.21 3.12 8.72
C VAL B 123 -15.49 4.59 8.47
N GLN B 124 -16.63 5.09 8.95
CA GLN B 124 -16.87 6.54 8.96
C GLN B 124 -16.88 7.08 10.39
N GLN B 125 -16.21 8.23 10.58
CA GLN B 125 -16.25 8.93 11.86
C GLN B 125 -17.29 10.04 11.80
N THR B 126 -18.13 10.11 12.83
CA THR B 126 -19.16 11.14 12.82
C THR B 126 -18.63 12.43 13.46
N ASP B 127 -19.44 13.49 13.38
CA ASP B 127 -19.02 14.78 13.95
C ASP B 127 -18.85 14.73 15.46
N ASP B 128 -19.51 13.80 16.14
CA ASP B 128 -19.33 13.64 17.57
C ASP B 128 -18.35 12.55 17.92
N ILE B 129 -17.48 12.17 16.99
CA ILE B 129 -16.43 11.18 17.17
C ILE B 129 -17.02 9.83 17.58
N LYS B 130 -18.08 9.43 16.91
CA LYS B 130 -18.52 8.05 16.98
C LYS B 130 -18.34 7.44 15.59
N TYR B 131 -18.73 6.16 15.45
CA TYR B 131 -18.28 5.42 14.25
C TYR B 131 -19.45 4.67 13.66
N ILE B 132 -19.56 4.72 12.34
CA ILE B 132 -20.58 3.99 11.57
C ILE B 132 -19.89 3.29 10.40
N SER B 133 -20.58 2.30 9.85
CA SER B 133 -20.03 1.61 8.68
C SER B 133 -19.98 2.53 7.46
N SER B 134 -18.94 2.33 6.65
CA SER B 134 -18.80 2.90 5.31
C SER B 134 -19.04 1.79 4.27
N ASN B 135 -18.94 2.17 2.99
CA ASN B 135 -18.98 1.12 1.95
C ASN B 135 -17.89 0.08 2.18
N ILE B 136 -16.70 0.53 2.59
CA ILE B 136 -15.61 -0.41 2.78
C ILE B 136 -15.85 -1.27 4.01
N THR B 137 -16.49 -0.74 5.06
CA THR B 137 -16.86 -1.59 6.20
C THR B 137 -17.69 -2.78 5.72
N GLN B 138 -18.70 -2.47 4.89
CA GLN B 138 -19.62 -3.51 4.42
C GLN B 138 -18.88 -4.52 3.57
N THR B 139 -17.96 -4.04 2.71
CA THR B 139 -17.15 -4.92 1.90
C THR B 139 -16.36 -5.91 2.75
N LEU B 140 -15.69 -5.40 3.82
CA LEU B 140 -14.81 -6.25 4.62
C LEU B 140 -15.59 -7.19 5.52
N ALA B 141 -16.89 -6.97 5.66
CA ALA B 141 -17.79 -7.89 6.36
C ALA B 141 -18.28 -9.02 5.47
N VAL B 142 -18.13 -8.95 4.17
CA VAL B 142 -18.59 -10.03 3.28
C VAL B 142 -17.58 -11.16 3.35
N PRO B 143 -17.98 -12.40 3.66
CA PRO B 143 -16.96 -13.43 3.92
C PRO B 143 -15.93 -13.60 2.82
N GLY B 144 -16.38 -13.71 1.57
CA GLY B 144 -15.43 -13.97 0.49
C GLY B 144 -14.47 -12.83 0.28
N LEU B 145 -14.95 -11.58 0.40
CA LEU B 145 -14.06 -10.43 0.22
C LEU B 145 -13.11 -10.27 1.41
N GLU B 146 -13.64 -10.48 2.63
CA GLU B 146 -12.77 -10.56 3.80
C GLU B 146 -11.65 -11.57 3.58
N ALA B 147 -12.01 -12.75 3.04
CA ALA B 147 -11.01 -13.78 2.82
C ALA B 147 -9.97 -13.32 1.81
N GLY B 148 -10.37 -12.49 0.83
CA GLY B 148 -9.39 -11.95 -0.10
C GLY B 148 -8.36 -11.07 0.60
N MET B 149 -8.83 -10.19 1.49
CA MET B 149 -7.92 -9.34 2.25
C MET B 149 -6.99 -10.21 3.12
N ARG B 150 -7.57 -11.21 3.79
CA ARG B 150 -6.76 -12.06 4.67
C ARG B 150 -5.69 -12.81 3.87
N HIS B 151 -6.05 -13.27 2.67
CA HIS B 151 -5.09 -13.90 1.75
C HIS B 151 -3.95 -12.94 1.40
N ALA B 152 -4.29 -11.68 1.13
CA ALA B 152 -3.22 -10.72 0.83
C ALA B 152 -2.25 -10.62 2.01
N PHE B 153 -2.77 -10.56 3.24
CA PHE B 153 -1.91 -10.41 4.39
C PHE B 153 -1.05 -11.65 4.61
N GLU B 154 -1.66 -12.84 4.59
CA GLU B 154 -0.88 -13.99 5.07
C GLU B 154 -0.12 -14.70 3.95
N ASN B 155 -0.55 -14.58 2.69
CA ASN B 155 0.15 -15.23 1.60
C ASN B 155 0.90 -14.27 0.70
N LEU B 156 0.31 -13.11 0.34
CA LEU B 156 1.02 -12.25 -0.59
C LEU B 156 2.11 -11.45 0.12
N TRP B 157 1.79 -10.83 1.27
CA TRP B 157 2.80 -9.95 1.85
CA TRP B 157 2.78 -9.97 1.95
C TRP B 157 4.11 -10.68 2.13
N PRO B 158 4.15 -11.92 2.65
CA PRO B 158 5.47 -12.52 2.89
C PRO B 158 6.26 -12.73 1.60
N VAL B 159 5.61 -13.07 0.48
CA VAL B 159 6.42 -13.30 -0.72
C VAL B 159 6.92 -11.99 -1.27
N LEU B 160 6.13 -10.90 -1.14
CA LEU B 160 6.59 -9.60 -1.58
C LEU B 160 7.73 -9.10 -0.70
N MET B 161 7.66 -9.42 0.57
CA MET B 161 8.73 -9.01 1.48
CA MET B 161 8.73 -9.02 1.49
C MET B 161 10.04 -9.75 1.17
N ALA B 162 9.95 -10.97 0.65
CA ALA B 162 11.12 -11.77 0.34
C ALA B 162 11.68 -11.50 -1.04
N LEU B 163 10.88 -10.90 -1.94
CA LEU B 163 11.26 -10.84 -3.34
C LEU B 163 12.52 -10.00 -3.57
N PRO B 164 12.66 -8.82 -2.97
CA PRO B 164 13.87 -8.03 -3.32
C PRO B 164 15.17 -8.73 -2.97
N ASP B 165 15.27 -9.32 -1.77
CA ASP B 165 16.53 -9.98 -1.43
C ASP B 165 16.68 -11.31 -2.17
N PHE B 166 15.58 -12.01 -2.46
CA PHE B 166 15.66 -13.19 -3.31
C PHE B 166 16.32 -12.85 -4.63
N LEU B 167 15.83 -11.77 -5.28
CA LEU B 167 16.36 -11.36 -6.58
C LEU B 167 17.80 -10.89 -6.46
N ALA B 168 18.13 -10.13 -5.40
CA ALA B 168 19.50 -9.64 -5.22
C ALA B 168 20.49 -10.80 -5.05
N GLU B 169 20.14 -11.75 -4.19
CA GLU B 169 21.08 -12.82 -3.90
C GLU B 169 21.26 -13.73 -5.11
N ARG B 170 20.28 -13.78 -6.02
CA ARG B 170 20.34 -14.64 -7.19
C ARG B 170 20.74 -13.89 -8.46
N LYS B 171 21.11 -12.61 -8.34
CA LYS B 171 21.58 -11.82 -9.48
C LYS B 171 20.50 -11.70 -10.55
N TYR B 172 19.24 -11.46 -10.10
CA TYR B 172 18.11 -11.02 -10.92
C TYR B 172 17.79 -12.01 -12.02
N PRO B 173 17.49 -13.26 -11.66
CA PRO B 173 17.10 -14.27 -12.66
C PRO B 173 15.69 -14.02 -13.18
N ASP B 174 15.47 -14.45 -14.41
CA ASP B 174 14.09 -14.61 -14.84
C ASP B 174 13.47 -15.73 -14.03
N ILE B 175 12.32 -15.45 -13.41
CA ILE B 175 11.64 -16.48 -12.64
C ILE B 175 10.73 -17.26 -13.58
N VAL B 176 10.93 -18.59 -13.60
CA VAL B 176 10.29 -19.46 -14.56
C VAL B 176 9.75 -20.74 -13.93
N ASP B 177 9.97 -20.96 -12.61
CA ASP B 177 9.73 -22.27 -11.99
C ASP B 177 8.99 -22.09 -10.66
N ALA B 178 7.86 -22.79 -10.49
CA ALA B 178 7.12 -22.65 -9.23
C ALA B 178 7.92 -23.13 -8.02
N LYS B 179 8.91 -24.01 -8.25
CA LYS B 179 9.73 -24.48 -7.15
C LYS B 179 10.94 -23.60 -6.88
N ASP B 180 11.10 -22.47 -7.61
CA ASP B 180 12.29 -21.63 -7.45
C ASP B 180 11.90 -20.17 -7.62
N THR B 181 11.17 -19.63 -6.64
CA THR B 181 10.79 -18.22 -6.67
C THR B 181 10.82 -17.72 -5.23
N ALA B 182 10.20 -16.54 -4.98
CA ALA B 182 10.36 -15.94 -3.68
C ALA B 182 9.63 -16.75 -2.61
N PHE B 183 8.62 -17.54 -2.99
CA PHE B 183 7.85 -18.30 -2.00
C PHE B 183 8.75 -19.16 -1.13
N GLN B 184 9.72 -19.84 -1.75
CA GLN B 184 10.54 -20.79 -0.98
C GLN B 184 11.35 -20.06 0.09
N LYS B 185 11.85 -18.87 -0.20
CA LYS B 185 12.54 -18.07 0.82
C LYS B 185 11.57 -17.60 1.89
N ALA B 186 10.39 -17.10 1.49
CA ALA B 186 9.44 -16.50 2.43
C ALA B 186 8.94 -17.50 3.45
N PHE B 187 8.75 -18.76 3.03
CA PHE B 187 8.18 -19.77 3.91
C PHE B 187 9.18 -20.85 4.27
N ASN B 188 10.46 -20.66 3.94
CA ASN B 188 11.53 -21.58 4.34
C ASN B 188 11.16 -23.03 4.03
N THR B 189 10.89 -23.28 2.75
CA THR B 189 10.47 -24.61 2.31
C THR B 189 10.98 -24.84 0.91
N ASP B 190 11.14 -26.13 0.55
CA ASP B 190 11.44 -26.55 -0.81
CA ASP B 190 11.44 -26.48 -0.83
C ASP B 190 10.19 -26.83 -1.63
N GLN B 191 9.03 -26.89 -0.98
CA GLN B 191 7.79 -27.18 -1.68
C GLN B 191 7.38 -26.00 -2.55
N ASP B 192 6.64 -26.30 -3.62
CA ASP B 192 5.98 -25.17 -4.27
C ASP B 192 4.77 -24.74 -3.46
N CYS B 193 4.27 -23.54 -3.82
CA CYS B 193 3.22 -22.90 -3.03
C CYS B 193 1.99 -23.79 -2.88
N PHE B 194 1.45 -24.27 -4.00
CA PHE B 194 0.20 -25.03 -3.87
C PHE B 194 0.40 -26.30 -3.03
N HIS B 195 1.56 -26.96 -3.18
CA HIS B 195 1.77 -28.17 -2.39
C HIS B 195 1.86 -27.82 -0.91
N TRP B 196 2.57 -26.71 -0.61
CA TRP B 196 2.75 -26.33 0.78
C TRP B 196 1.42 -25.90 1.39
N LEU B 197 0.61 -25.13 0.65
CA LEU B 197 -0.65 -24.65 1.21
C LEU B 197 -1.54 -25.82 1.58
N ALA B 198 -1.50 -26.90 0.80
CA ALA B 198 -2.40 -28.02 1.07
C ALA B 198 -2.07 -28.70 2.39
N THR B 199 -0.95 -28.35 3.02
CA THR B 199 -0.58 -28.88 4.34
C THR B 199 -0.95 -27.91 5.48
N GLN B 200 -1.59 -26.78 5.20
CA GLN B 200 -1.79 -25.72 6.21
C GLN B 200 -3.29 -25.49 6.44
N PRO B 201 -3.91 -26.14 7.42
CA PRO B 201 -5.38 -26.12 7.50
C PRO B 201 -6.01 -24.74 7.62
N THR B 202 -5.42 -23.80 8.36
CA THR B 202 -6.09 -22.50 8.47
C THR B 202 -6.05 -21.78 7.13
N ARG B 203 -5.02 -22.03 6.33
CA ARG B 203 -4.89 -21.36 5.05
C ARG B 203 -5.88 -21.97 4.05
N ILE B 204 -6.02 -23.30 4.09
CA ILE B 204 -7.05 -23.97 3.29
C ILE B 204 -8.43 -23.44 3.65
N ALA B 205 -8.69 -23.23 4.95
CA ALA B 205 -10.01 -22.77 5.35
C ALA B 205 -10.30 -21.40 4.77
N ASN B 206 -9.30 -20.53 4.73
CA ASN B 206 -9.53 -19.21 4.15
C ASN B 206 -9.81 -19.31 2.64
N PHE B 207 -9.11 -20.20 1.92
CA PHE B 207 -9.38 -20.35 0.49
C PHE B 207 -10.79 -20.86 0.26
N LYS B 208 -11.29 -21.70 1.17
CA LYS B 208 -12.66 -22.20 1.03
C LYS B 208 -13.67 -21.04 1.06
N VAL B 209 -13.44 -20.08 1.95
CA VAL B 209 -14.34 -18.93 2.00
C VAL B 209 -14.16 -18.07 0.77
N LEU B 210 -12.91 -17.92 0.34
CA LEU B 210 -12.62 -17.07 -0.81
C LEU B 210 -13.36 -17.57 -2.05
N LEU B 211 -13.52 -18.90 -2.19
CA LEU B 211 -14.22 -19.43 -3.36
C LEU B 211 -15.69 -19.03 -3.42
N THR B 212 -16.27 -18.59 -2.30
CA THR B 212 -17.67 -18.19 -2.36
C THR B 212 -17.88 -16.84 -3.04
N ASP B 213 -16.82 -16.06 -3.28
CA ASP B 213 -16.97 -14.82 -4.00
C ASP B 213 -17.21 -15.10 -5.49
N GLU B 214 -18.17 -14.40 -6.08
CA GLU B 214 -18.44 -14.56 -7.50
C GLU B 214 -18.18 -13.23 -8.19
N ARG B 215 -17.28 -13.23 -9.18
CA ARG B 215 -16.95 -12.01 -9.90
C ARG B 215 -18.08 -11.63 -10.84
N THR B 216 -18.28 -10.31 -11.00
CA THR B 216 -19.25 -9.76 -11.92
C THR B 216 -18.59 -8.65 -12.71
N PRO B 217 -18.88 -8.52 -14.02
CA PRO B 217 -19.73 -9.40 -14.84
C PRO B 217 -18.99 -10.66 -15.18
N ASN B 218 -19.65 -11.55 -15.91
CA ASN B 218 -19.00 -12.79 -16.29
C ASN B 218 -19.09 -12.96 -17.80
N PHE B 219 -18.41 -13.99 -18.28
CA PHE B 219 -18.22 -14.16 -19.72
C PHE B 219 -19.55 -14.32 -20.48
N LEU B 220 -20.61 -14.81 -19.83
CA LEU B 220 -21.87 -14.98 -20.54
C LEU B 220 -22.47 -13.65 -20.99
N SER B 221 -22.00 -12.51 -20.45
CA SER B 221 -22.54 -11.23 -20.91
C SER B 221 -22.17 -10.94 -22.36
N THR B 222 -21.06 -11.49 -22.86
CA THR B 222 -20.70 -11.23 -24.25
C THR B 222 -20.44 -12.51 -25.07
N PHE B 223 -20.53 -13.68 -24.46
CA PHE B 223 -20.21 -14.92 -25.17
C PHE B 223 -21.38 -15.29 -26.09
N PRO B 224 -21.17 -15.36 -27.39
CA PRO B 224 -22.28 -15.65 -28.34
C PRO B 224 -22.51 -17.16 -28.43
N LEU B 225 -23.21 -17.70 -27.43
CA LEU B 225 -23.28 -19.14 -27.27
C LEU B 225 -23.93 -19.80 -28.47
N GLU B 226 -25.08 -19.27 -28.91
CA GLU B 226 -25.76 -19.87 -30.05
C GLU B 226 -24.87 -19.86 -31.29
N LYS B 227 -24.12 -18.78 -31.52
CA LYS B 227 -23.21 -18.74 -32.66
C LYS B 227 -22.10 -19.79 -32.53
N GLU B 228 -21.47 -19.89 -31.36
CA GLU B 228 -20.41 -20.88 -31.17
C GLU B 228 -20.95 -22.32 -31.24
N LEU B 229 -22.20 -22.56 -30.84
CA LEU B 229 -22.76 -23.91 -30.93
C LEU B 229 -23.04 -24.32 -32.38
N GLY B 230 -23.54 -23.39 -33.19
CA GLY B 230 -24.00 -23.78 -34.52
C GLY B 230 -24.98 -24.93 -34.42
N SER B 231 -24.76 -25.97 -35.21
CA SER B 231 -25.66 -27.14 -35.25
C SER B 231 -25.19 -28.28 -34.34
N TRP B 232 -24.41 -27.98 -33.30
CA TRP B 232 -23.94 -29.02 -32.38
C TRP B 232 -25.10 -29.80 -31.78
N SER B 233 -24.98 -31.13 -31.79
CA SER B 233 -25.95 -32.03 -31.19
C SER B 233 -25.45 -32.61 -29.88
N ALA B 234 -26.32 -32.63 -28.88
CA ALA B 234 -25.99 -33.19 -27.57
C ALA B 234 -26.11 -34.70 -27.50
N GLU B 235 -26.65 -35.37 -28.52
CA GLU B 235 -26.84 -36.80 -28.34
C GLU B 235 -25.66 -37.60 -28.89
N PRO B 236 -25.29 -38.74 -28.26
CA PRO B 236 -25.87 -39.29 -27.04
C PRO B 236 -25.12 -38.90 -25.77
N GLU B 237 -25.85 -38.32 -24.80
CA GLU B 237 -25.32 -37.94 -23.50
C GLU B 237 -23.98 -37.20 -23.66
N LYS B 238 -23.91 -36.29 -24.62
CA LYS B 238 -22.73 -35.44 -24.75
C LYS B 238 -22.80 -34.30 -23.74
N ALA B 239 -21.62 -33.80 -23.36
CA ALA B 239 -21.51 -32.68 -22.45
C ALA B 239 -21.45 -31.37 -23.25
N LEU B 240 -22.30 -30.42 -22.86
CA LEU B 240 -22.22 -29.06 -23.40
C LEU B 240 -21.01 -28.32 -22.80
N PHE B 241 -20.81 -28.48 -21.50
CA PHE B 241 -19.92 -27.58 -20.75
C PHE B 241 -19.26 -28.36 -19.63
N VAL B 242 -17.93 -28.39 -19.65
CA VAL B 242 -17.14 -29.07 -18.62
C VAL B 242 -16.31 -27.96 -17.97
N ASP B 243 -16.61 -27.67 -16.70
CA ASP B 243 -16.01 -26.56 -15.93
C ASP B 243 -14.83 -27.12 -15.13
N ILE B 244 -13.62 -26.97 -15.67
CA ILE B 244 -12.44 -27.64 -15.12
C ILE B 244 -11.82 -26.78 -14.03
N GLY B 245 -11.82 -27.27 -12.80
CA GLY B 245 -11.43 -26.41 -11.66
C GLY B 245 -12.51 -25.36 -11.43
N GLY B 246 -13.78 -25.74 -11.55
CA GLY B 246 -14.88 -24.77 -11.49
C GLY B 246 -15.25 -24.27 -10.12
N GLY B 247 -14.58 -24.76 -9.07
CA GLY B 247 -14.84 -24.23 -7.74
C GLY B 247 -16.24 -24.53 -7.26
N MET B 248 -16.96 -23.47 -6.84
CA MET B 248 -18.37 -23.59 -6.42
C MET B 248 -19.30 -23.81 -7.60
N GLY B 249 -18.79 -23.73 -8.83
CA GLY B 249 -19.64 -23.96 -9.97
C GLY B 249 -20.40 -22.75 -10.46
N HIS B 250 -19.94 -21.55 -10.11
CA HIS B 250 -20.68 -20.34 -10.51
C HIS B 250 -20.86 -20.28 -12.03
N ALA B 251 -19.86 -20.71 -12.80
CA ALA B 251 -20.04 -20.64 -14.26
C ALA B 251 -21.14 -21.60 -14.72
N CYS B 252 -21.18 -22.82 -14.15
CA CYS B 252 -22.24 -23.77 -14.50
C CYS B 252 -23.60 -23.24 -14.12
N ILE B 253 -23.69 -22.65 -12.94
CA ILE B 253 -24.96 -22.09 -12.47
C ILE B 253 -25.43 -21.00 -13.43
N ARG B 254 -24.55 -20.05 -13.75
CA ARG B 254 -24.97 -18.94 -14.62
C ARG B 254 -25.32 -19.43 -16.03
N LEU B 255 -24.62 -20.45 -16.51
CA LEU B 255 -24.93 -20.99 -17.82
C LEU B 255 -26.31 -21.62 -17.84
N ARG B 256 -26.63 -22.44 -16.83
CA ARG B 256 -27.96 -23.04 -16.74
CA ARG B 256 -27.96 -23.04 -16.81
C ARG B 256 -29.03 -21.98 -16.56
N GLU B 257 -28.70 -20.90 -15.85
CA GLU B 257 -29.69 -19.85 -15.60
C GLU B 257 -30.00 -19.07 -16.88
N LYS B 258 -28.96 -18.80 -17.68
CA LYS B 258 -29.16 -17.99 -18.88
C LYS B 258 -29.70 -18.81 -20.05
N TYR B 259 -29.32 -20.08 -20.15
CA TYR B 259 -29.73 -20.93 -21.27
C TYR B 259 -30.41 -22.19 -20.71
N PRO B 260 -31.56 -22.04 -20.04
CA PRO B 260 -32.15 -23.19 -19.33
C PRO B 260 -32.59 -24.30 -20.26
N ASN B 261 -32.87 -24.01 -21.53
CA ASN B 261 -33.40 -25.01 -22.46
C ASN B 261 -32.37 -25.55 -23.42
N GLN B 262 -31.12 -25.19 -23.24
CA GLN B 262 -30.07 -25.65 -24.13
C GLN B 262 -29.70 -27.09 -23.75
N PRO B 263 -29.76 -28.06 -24.68
CA PRO B 263 -29.44 -29.44 -24.29
C PRO B 263 -27.94 -29.65 -24.08
N GLY B 264 -27.63 -30.72 -23.35
CA GLY B 264 -26.25 -31.10 -23.12
C GLY B 264 -25.90 -31.13 -21.65
N ARG B 265 -25.01 -32.02 -21.26
CA ARG B 265 -24.62 -32.11 -19.86
C ARG B 265 -23.78 -30.90 -19.46
N VAL B 266 -23.97 -30.46 -18.22
CA VAL B 266 -23.19 -29.36 -17.64
C VAL B 266 -22.49 -29.96 -16.41
N ILE B 267 -21.16 -29.95 -16.41
CA ILE B 267 -20.36 -30.77 -15.48
C ILE B 267 -19.37 -29.89 -14.75
N LEU B 268 -19.42 -29.90 -13.43
CA LEU B 268 -18.46 -29.20 -12.58
C LEU B 268 -17.38 -30.20 -12.19
N GLN B 269 -16.13 -29.89 -12.53
CA GLN B 269 -14.98 -30.71 -12.13
C GLN B 269 -14.11 -29.95 -11.15
N ASP B 270 -13.82 -30.58 -10.00
CA ASP B 270 -12.89 -30.01 -9.04
C ASP B 270 -12.43 -31.15 -8.14
N LEU B 271 -11.63 -30.83 -7.15
CA LEU B 271 -11.20 -31.87 -6.21
C LEU B 271 -12.30 -32.14 -5.19
N PRO B 272 -12.34 -33.33 -4.61
CA PRO B 272 -13.52 -33.73 -3.79
C PRO B 272 -13.88 -32.73 -2.69
N PRO B 273 -12.93 -32.13 -1.95
CA PRO B 273 -13.37 -31.26 -0.82
C PRO B 273 -14.07 -29.99 -1.30
N VAL B 274 -13.70 -29.52 -2.48
CA VAL B 274 -14.35 -28.34 -3.06
C VAL B 274 -15.73 -28.70 -3.61
N LEU B 275 -15.82 -29.82 -4.32
CA LEU B 275 -17.15 -30.30 -4.73
C LEU B 275 -18.05 -30.46 -3.53
N GLN B 276 -17.53 -31.00 -2.43
CA GLN B 276 -18.39 -31.14 -1.25
C GLN B 276 -18.89 -29.79 -0.77
N ALA B 277 -18.00 -28.80 -0.72
CA ALA B 277 -18.45 -27.48 -0.27
C ALA B 277 -19.42 -26.87 -1.27
N ALA B 278 -19.37 -27.26 -2.53
CA ALA B 278 -20.26 -26.68 -3.54
C ALA B 278 -21.68 -27.21 -3.47
N GLN B 279 -21.90 -28.37 -2.85
CA GLN B 279 -23.20 -29.04 -2.95
C GLN B 279 -24.34 -28.20 -2.39
N ALA B 280 -24.07 -27.44 -1.32
CA ALA B 280 -25.18 -26.76 -0.63
C ALA B 280 -25.83 -25.71 -1.51
N THR B 281 -25.10 -25.20 -2.49
CA THR B 281 -25.58 -24.07 -3.26
C THR B 281 -25.78 -24.39 -4.73
N LEU B 282 -25.45 -25.61 -5.16
CA LEU B 282 -25.78 -26.05 -6.49
C LEU B 282 -27.27 -26.33 -6.62
N PRO B 283 -27.83 -26.11 -7.81
CA PRO B 283 -29.20 -26.58 -8.10
C PRO B 283 -29.32 -28.07 -7.83
N LEU B 284 -30.55 -28.49 -7.50
CA LEU B 284 -30.78 -29.91 -7.23
C LEU B 284 -30.65 -30.77 -8.48
N SER B 285 -30.83 -30.20 -9.66
CA SER B 285 -30.61 -30.99 -10.86
C SER B 285 -30.05 -30.11 -11.97
N GLY B 286 -29.44 -30.78 -12.96
CA GLY B 286 -28.96 -30.15 -14.16
C GLY B 286 -27.48 -29.84 -14.18
N ILE B 287 -26.79 -29.91 -13.05
CA ILE B 287 -25.32 -29.73 -12.99
C ILE B 287 -24.74 -30.94 -12.28
N GLU B 288 -23.87 -31.68 -12.98
CA GLU B 288 -23.22 -32.85 -12.41
C GLU B 288 -21.97 -32.42 -11.66
N SER B 289 -21.66 -33.09 -10.57
CA SER B 289 -20.41 -32.86 -9.83
C SER B 289 -19.51 -34.06 -10.05
N MET B 290 -18.35 -33.84 -10.65
CA MET B 290 -17.46 -34.94 -11.04
C MET B 290 -16.07 -34.70 -10.46
N PRO B 291 -15.64 -35.46 -9.46
CA PRO B 291 -14.26 -35.28 -8.97
C PRO B 291 -13.24 -35.52 -10.08
N HIS B 292 -12.31 -34.58 -10.23
CA HIS B 292 -11.31 -34.75 -11.29
C HIS B 292 -10.17 -33.80 -11.01
N ASN B 293 -8.97 -34.35 -11.02
CA ASN B 293 -7.73 -33.60 -10.88
C ASN B 293 -7.27 -33.16 -12.27
N PHE B 294 -7.15 -31.83 -12.48
CA PHE B 294 -6.84 -31.41 -13.85
C PHE B 294 -5.38 -31.61 -14.23
N HIS B 295 -4.57 -32.21 -13.38
CA HIS B 295 -3.24 -32.70 -13.80
C HIS B 295 -3.27 -34.14 -14.33
N THR B 296 -4.46 -34.68 -14.60
CA THR B 296 -4.66 -36.04 -15.08
C THR B 296 -5.57 -35.99 -16.30
N PRO B 297 -5.55 -37.04 -17.12
CA PRO B 297 -6.30 -37.02 -18.40
C PRO B 297 -7.80 -36.75 -18.20
N GLN B 298 -8.34 -35.90 -19.07
CA GLN B 298 -9.74 -35.47 -19.01
C GLN B 298 -10.69 -36.64 -19.27
N PRO B 299 -11.61 -36.98 -18.35
CA PRO B 299 -12.44 -38.17 -18.59
C PRO B 299 -13.60 -37.94 -19.57
N VAL B 300 -14.10 -36.71 -19.67
CA VAL B 300 -15.28 -36.45 -20.50
C VAL B 300 -14.84 -36.27 -21.95
N GLN B 301 -15.36 -37.12 -22.85
CA GLN B 301 -14.93 -37.16 -24.25
C GLN B 301 -15.87 -36.40 -25.17
N GLY B 302 -15.31 -35.60 -26.08
CA GLY B 302 -16.13 -34.94 -27.08
C GLY B 302 -17.05 -33.84 -26.57
N ALA B 303 -16.71 -33.18 -25.47
CA ALA B 303 -17.58 -32.12 -24.98
C ALA B 303 -17.52 -30.95 -25.94
N LYS B 304 -18.57 -30.13 -25.94
CA LYS B 304 -18.51 -28.92 -26.76
C LYS B 304 -17.52 -27.90 -26.18
N PHE B 305 -17.64 -27.60 -24.89
CA PHE B 305 -16.77 -26.60 -24.26
C PHE B 305 -16.08 -27.18 -23.05
N TYR B 306 -14.72 -27.16 -23.06
CA TYR B 306 -13.89 -27.42 -21.89
C TYR B 306 -13.43 -26.06 -21.38
N PHE B 307 -13.89 -25.68 -20.20
CA PHE B 307 -13.81 -24.31 -19.71
C PHE B 307 -12.80 -24.22 -18.57
N LEU B 308 -11.83 -23.31 -18.70
CA LEU B 308 -10.75 -23.07 -17.74
C LEU B 308 -10.78 -21.60 -17.35
N ARG B 309 -11.44 -21.27 -16.22
CA ARG B 309 -11.53 -19.88 -15.77
C ARG B 309 -10.57 -19.61 -14.61
N LEU B 310 -9.64 -18.65 -14.83
CA LEU B 310 -8.64 -18.28 -13.83
C LEU B 310 -7.89 -19.51 -13.29
N ILE B 311 -7.59 -20.46 -14.17
CA ILE B 311 -6.81 -21.63 -13.83
C ILE B 311 -5.37 -21.43 -14.31
N LEU B 312 -5.21 -21.18 -15.61
CA LEU B 312 -3.86 -21.28 -16.17
C LEU B 312 -2.96 -20.12 -15.74
N ARG B 313 -3.52 -19.01 -15.27
CA ARG B 313 -2.65 -17.92 -14.79
CA ARG B 313 -2.66 -17.91 -14.78
C ARG B 313 -1.82 -18.34 -13.59
N ASP B 314 -2.20 -19.39 -12.89
CA ASP B 314 -1.53 -19.81 -11.68
C ASP B 314 -0.35 -20.74 -11.95
N PHE B 315 -0.05 -21.02 -13.22
CA PHE B 315 0.96 -22.00 -13.54
C PHE B 315 1.96 -21.43 -14.54
N PRO B 316 3.27 -21.67 -14.35
CA PRO B 316 4.22 -21.41 -15.44
C PRO B 316 3.85 -22.19 -16.70
N ASP B 317 4.43 -21.77 -17.82
CA ASP B 317 4.12 -22.38 -19.11
C ASP B 317 4.19 -23.90 -19.07
N HIS B 318 5.24 -24.46 -18.47
CA HIS B 318 5.39 -25.91 -18.54
C HIS B 318 4.18 -26.61 -17.94
N GLN B 319 3.76 -26.15 -16.74
CA GLN B 319 2.63 -26.77 -16.08
C GLN B 319 1.31 -26.41 -16.76
N ALA B 320 1.19 -25.17 -17.23
CA ALA B 320 -0.03 -24.78 -17.94
C ALA B 320 -0.20 -25.61 -19.20
N LEU B 321 0.91 -25.82 -19.92
CA LEU B 321 0.89 -26.67 -21.09
C LEU B 321 0.43 -28.09 -20.76
N GLU B 322 0.94 -28.66 -19.66
CA GLU B 322 0.51 -30.01 -19.25
C GLU B 322 -0.99 -30.07 -18.97
N ILE B 323 -1.56 -29.05 -18.31
CA ILE B 323 -3.00 -29.03 -18.09
C ILE B 323 -3.76 -29.08 -19.42
N LEU B 324 -3.34 -28.30 -20.41
CA LEU B 324 -3.99 -28.35 -21.71
C LEU B 324 -3.79 -29.70 -22.39
N GLN B 325 -2.58 -30.27 -22.30
CA GLN B 325 -2.31 -31.55 -22.96
C GLN B 325 -3.12 -32.68 -22.35
N ASN B 326 -3.60 -32.53 -21.11
CA ASN B 326 -4.50 -33.52 -20.55
C ASN B 326 -5.91 -33.44 -21.11
N ILE B 327 -6.27 -32.33 -21.76
CA ILE B 327 -7.61 -32.16 -22.30
C ILE B 327 -7.66 -32.49 -23.78
N VAL B 328 -6.63 -32.08 -24.53
CA VAL B 328 -6.65 -32.16 -26.00
C VAL B 328 -7.00 -33.57 -26.49
N PRO B 329 -6.50 -34.65 -25.89
CA PRO B 329 -6.87 -35.98 -26.42
C PRO B 329 -8.36 -36.32 -26.31
N ALA B 330 -9.11 -35.65 -25.44
CA ALA B 330 -10.54 -35.90 -25.31
C ALA B 330 -11.39 -35.10 -26.30
N MET B 331 -10.77 -34.16 -27.01
CA MET B 331 -11.49 -33.30 -27.94
C MET B 331 -11.82 -33.99 -29.26
N ASP B 332 -13.00 -33.71 -29.78
CA ASP B 332 -13.26 -33.99 -31.19
C ASP B 332 -13.23 -32.67 -31.98
N ALA B 333 -13.48 -32.76 -33.28
CA ALA B 333 -13.34 -31.57 -34.13
C ALA B 333 -14.25 -30.45 -33.70
N GLU B 334 -15.39 -30.76 -33.09
CA GLU B 334 -16.31 -29.73 -32.66
C GLU B 334 -15.96 -29.17 -31.27
N SER B 335 -15.12 -29.88 -30.50
CA SER B 335 -14.77 -29.45 -29.15
C SER B 335 -13.98 -28.14 -29.19
N ARG B 336 -14.14 -27.35 -28.13
CA ARG B 336 -13.34 -26.14 -27.95
C ARG B 336 -12.82 -26.11 -26.52
N ILE B 337 -11.61 -25.59 -26.34
CA ILE B 337 -11.15 -25.22 -25.00
C ILE B 337 -11.39 -23.74 -24.87
N VAL B 338 -12.08 -23.33 -23.80
CA VAL B 338 -12.35 -21.92 -23.56
C VAL B 338 -11.52 -21.52 -22.36
N ILE B 339 -10.51 -20.65 -22.59
CA ILE B 339 -9.68 -20.12 -21.51
C ILE B 339 -10.28 -18.76 -21.16
N ASP B 340 -10.81 -18.64 -19.91
CA ASP B 340 -11.42 -17.40 -19.44
C ASP B 340 -10.42 -16.86 -18.43
N ASP B 341 -9.70 -15.79 -18.81
CA ASP B 341 -8.61 -15.34 -17.97
C ASP B 341 -8.26 -13.89 -18.33
N GLY B 342 -7.24 -13.37 -17.66
CA GLY B 342 -6.79 -12.03 -17.96
C GLY B 342 -6.03 -11.99 -19.28
N VAL B 343 -6.29 -10.94 -20.05
CA VAL B 343 -5.57 -10.69 -21.31
C VAL B 343 -5.03 -9.26 -21.33
N PRO B 344 -3.94 -8.99 -20.62
CA PRO B 344 -3.40 -7.63 -20.60
C PRO B 344 -2.95 -7.24 -21.99
N PRO B 345 -2.94 -5.93 -22.27
CA PRO B 345 -2.52 -5.43 -23.58
C PRO B 345 -1.01 -5.47 -23.71
N GLU B 346 -0.58 -5.27 -24.96
CA GLU B 346 0.84 -5.19 -25.28
C GLU B 346 1.50 -3.99 -24.62
N LYS B 347 0.75 -2.90 -24.45
CA LYS B 347 1.30 -1.73 -23.78
C LYS B 347 0.18 -1.04 -23.03
N GLY B 348 0.58 -0.19 -22.08
CA GLY B 348 -0.40 0.53 -21.26
C GLY B 348 -1.19 -0.34 -20.30
N ALA B 349 -0.62 -1.47 -19.86
CA ALA B 349 -1.35 -2.31 -18.92
C ALA B 349 -1.57 -1.57 -17.61
N ARG B 350 -2.67 -1.89 -16.94
CA ARG B 350 -3.05 -1.19 -15.72
C ARG B 350 -2.56 -1.93 -14.47
N TRP B 351 -2.59 -1.21 -13.34
CA TRP B 351 -2.00 -1.73 -12.11
C TRP B 351 -2.59 -3.06 -11.67
N ALA B 352 -3.88 -3.29 -11.90
CA ALA B 352 -4.48 -4.53 -11.40
C ALA B 352 -3.91 -5.72 -12.15
N GLU B 353 -3.57 -5.54 -13.41
CA GLU B 353 -3.03 -6.71 -14.10
C GLU B 353 -1.51 -6.82 -13.95
N THR B 354 -0.78 -5.71 -13.85
CA THR B 354 0.65 -5.85 -13.64
C THR B 354 0.97 -6.20 -12.20
N GLY B 355 0.23 -5.64 -11.24
CA GLY B 355 0.41 -6.05 -9.86
C GLY B 355 0.14 -7.53 -9.69
N THR B 356 -0.92 -8.03 -10.33
CA THR B 356 -1.19 -9.46 -10.26
C THR B 356 -0.02 -10.23 -10.80
N ASP B 357 0.54 -9.76 -11.92
CA ASP B 357 1.68 -10.42 -12.55
C ASP B 357 2.86 -10.54 -11.58
N ILE B 358 3.16 -9.46 -10.84
CA ILE B 358 4.31 -9.51 -9.92
C ILE B 358 4.02 -10.46 -8.76
N CYS B 359 2.80 -10.46 -8.25
CA CYS B 359 2.44 -11.33 -7.11
C CYS B 359 2.50 -12.80 -7.50
N ILE B 360 1.90 -13.15 -8.65
CA ILE B 360 1.91 -14.55 -9.01
C ILE B 360 3.29 -15.00 -9.46
N MET B 361 4.11 -14.12 -10.05
CA MET B 361 5.52 -14.44 -10.24
C MET B 361 6.16 -14.86 -8.92
N SER B 362 5.95 -14.07 -7.87
CA SER B 362 6.68 -14.23 -6.62
C SER B 362 6.18 -15.43 -5.84
N ALA B 363 4.87 -15.72 -5.88
CA ALA B 363 4.33 -16.86 -5.13
C ALA B 363 4.35 -18.17 -5.94
N LEU B 364 4.02 -18.07 -7.22
CA LEU B 364 3.66 -19.24 -8.04
C LEU B 364 4.64 -19.49 -9.19
N GLY B 365 5.55 -18.56 -9.45
CA GLY B 365 6.39 -18.65 -10.64
C GLY B 365 5.65 -18.40 -11.96
N SER B 366 4.38 -17.95 -11.94
CA SER B 366 3.60 -17.87 -13.16
C SER B 366 3.58 -16.41 -13.63
N LYS B 367 2.58 -16.05 -14.44
CA LYS B 367 2.61 -14.74 -15.11
C LYS B 367 1.26 -14.47 -15.75
N GLU B 368 0.96 -13.17 -15.94
CA GLU B 368 -0.14 -12.77 -16.80
C GLU B 368 0.33 -12.90 -18.25
N ARG B 369 -0.63 -13.18 -19.16
CA ARG B 369 -0.28 -13.42 -20.55
C ARG B 369 -1.09 -12.50 -21.46
N THR B 370 -0.40 -11.82 -22.39
CA THR B 370 -1.06 -11.13 -23.47
C THR B 370 -1.77 -12.14 -24.38
N GLN B 371 -2.59 -11.62 -25.29
CA GLN B 371 -3.21 -12.51 -26.25
C GLN B 371 -2.15 -13.31 -27.02
N ARG B 372 -1.07 -12.65 -27.44
CA ARG B 372 -0.06 -13.38 -28.21
C ARG B 372 0.62 -14.44 -27.36
N GLN B 373 0.84 -14.15 -26.06
CA GLN B 373 1.41 -15.17 -25.19
C GLN B 373 0.45 -16.35 -24.98
N TRP B 374 -0.86 -16.09 -24.83
CA TRP B 374 -1.82 -17.20 -24.77
C TRP B 374 -1.75 -18.03 -26.05
N GLU B 375 -1.69 -17.37 -27.21
CA GLU B 375 -1.67 -18.12 -28.46
C GLU B 375 -0.41 -18.98 -28.59
N GLU B 376 0.73 -18.44 -28.18
CA GLU B 376 1.97 -19.22 -28.22
C GLU B 376 1.90 -20.44 -27.30
N LEU B 377 1.33 -20.28 -26.11
CA LEU B 377 1.15 -21.40 -25.19
C LEU B 377 0.20 -22.44 -25.77
N ALA B 378 -0.95 -21.99 -26.26
CA ALA B 378 -1.93 -22.94 -26.77
C ALA B 378 -1.41 -23.66 -28.02
N ALA B 379 -0.60 -22.99 -28.85
CA ALA B 379 -0.13 -23.66 -30.05
C ALA B 379 0.77 -24.83 -29.72
N LYS B 380 1.49 -24.76 -28.58
CA LYS B 380 2.30 -25.88 -28.14
C LYS B 380 1.46 -27.09 -27.79
N ALA B 381 0.19 -26.86 -27.44
CA ALA B 381 -0.76 -27.95 -27.20
C ALA B 381 -1.50 -28.35 -28.46
N GLY B 382 -1.16 -27.78 -29.61
CA GLY B 382 -1.83 -28.10 -30.86
C GLY B 382 -3.15 -27.38 -31.05
N LEU B 383 -3.30 -26.17 -30.46
CA LEU B 383 -4.56 -25.44 -30.46
C LEU B 383 -4.41 -24.12 -31.23
N GLN B 384 -5.49 -23.65 -31.85
CA GLN B 384 -5.47 -22.37 -32.56
C GLN B 384 -6.63 -21.52 -32.06
N LEU B 385 -6.41 -20.22 -31.91
CA LEU B 385 -7.43 -19.32 -31.41
C LEU B 385 -8.49 -19.04 -32.49
N GLN B 386 -9.75 -19.33 -32.19
CA GLN B 386 -10.84 -19.07 -33.12
C GLN B 386 -11.58 -17.77 -32.84
N ALA B 387 -11.69 -17.37 -31.57
CA ALA B 387 -12.45 -16.17 -31.22
C ALA B 387 -12.02 -15.73 -29.84
N LEU B 388 -12.17 -14.43 -29.58
CA LEU B 388 -11.86 -13.88 -28.28
C LEU B 388 -12.95 -12.90 -27.92
N TYR B 389 -13.59 -13.11 -26.76
CA TYR B 389 -14.76 -12.35 -26.37
C TYR B 389 -14.47 -11.65 -25.05
N GLN B 390 -14.07 -10.36 -25.13
CA GLN B 390 -13.82 -9.54 -23.95
CA GLN B 390 -13.81 -9.59 -23.93
C GLN B 390 -15.11 -9.33 -23.19
N TYR B 391 -15.04 -9.30 -21.84
CA TYR B 391 -16.23 -8.97 -21.09
C TYR B 391 -15.96 -8.05 -19.90
N THR B 392 -14.71 -7.63 -19.66
CA THR B 392 -14.47 -6.52 -18.72
C THR B 392 -13.51 -5.56 -19.37
N TRP B 393 -13.58 -4.29 -18.93
CA TRP B 393 -12.78 -3.15 -19.40
C TRP B 393 -12.63 -2.21 -18.25
N PRO B 394 -11.51 -1.43 -18.18
CA PRO B 394 -10.35 -1.47 -19.08
C PRO B 394 -9.40 -2.63 -18.78
N VAL B 395 -9.43 -3.21 -17.58
CA VAL B 395 -8.64 -4.42 -17.33
C VAL B 395 -9.38 -5.56 -18.00
N VAL B 396 -8.73 -6.22 -18.95
CA VAL B 396 -9.41 -7.17 -19.82
C VAL B 396 -9.44 -8.57 -19.23
N ASN B 397 -10.65 -9.09 -19.07
CA ASN B 397 -10.87 -10.53 -18.99
C ASN B 397 -11.65 -10.93 -20.23
N ALA B 398 -11.30 -12.10 -20.80
CA ALA B 398 -11.92 -12.53 -22.05
C ALA B 398 -12.04 -14.04 -22.06
N ALA B 399 -13.10 -14.53 -22.70
CA ALA B 399 -13.22 -15.96 -23.03
C ALA B 399 -12.55 -16.17 -24.37
N MET B 400 -11.43 -16.90 -24.37
CA MET B 400 -10.68 -17.22 -25.58
C MET B 400 -11.07 -18.62 -26.02
N VAL B 401 -11.54 -18.75 -27.26
CA VAL B 401 -12.04 -20.04 -27.75
C VAL B 401 -10.99 -20.66 -28.67
N PHE B 402 -10.47 -21.83 -28.29
CA PHE B 402 -9.46 -22.53 -29.07
C PHE B 402 -10.02 -23.83 -29.63
N SER B 403 -9.59 -24.17 -30.84
CA SER B 403 -9.91 -25.46 -31.44
C SER B 403 -8.62 -26.21 -31.73
N LEU B 404 -8.77 -27.49 -32.08
CA LEU B 404 -7.62 -28.24 -32.57
C LEU B 404 -7.07 -27.59 -33.84
N GLN B 405 -5.76 -27.54 -33.97
CA GLN B 405 -5.10 -26.95 -35.13
C GLN B 405 -5.44 -27.67 -36.43
#